data_8HOP
#
_entry.id   8HOP
#
_cell.length_a   58.816
_cell.length_b   147.934
_cell.length_c   64.787
_cell.angle_alpha   90.00
_cell.angle_beta   100.08
_cell.angle_gamma   90.00
#
_symmetry.space_group_name_H-M   'P 1 21 1'
#
loop_
_entity.id
_entity.type
_entity.pdbx_description
1 polymer 'Bifunctional cytochrome P450/NADPH--P450 reductase'
2 polymer Im-C6-Nap-Tyr
3 non-polymer 'PROTOPORPHYRIN IX CONTAINING FE'
4 water water
#
loop_
_entity_poly.entity_id
_entity_poly.type
_entity_poly.pdbx_seq_one_letter_code
_entity_poly.pdbx_strand_id
1 'polypeptide(L)'
;GMTIKEMPQPKTFGELKNLPLLNTDKPVQALMKIADELGEIFKFEAPGRVTRYLSSQRLIKEACDESRFDKNLSQALKFV
RDFAGDGLATSWTHEKNWKKAHNILLPSFSQQAMKGYHAMMVDIAVQLVQKWERLNADEHIEVPEDMTRLTLDTIGLCGF
NYRFNSFYRDQPHPFITSMVRALDEAMNKLQRANPDDPAYDENKRQFQEDIKVMNDLVDKIIADRKASGEQSDDLLTHML
NGKDPETGEPLDDENIRYQIITFLIAGHETTSGLLSFALYFLVKNPHVLQKAAEEAARVLVDPVPSYKQVKQLKYVGMVL
NEALRLWPTAPAFSLYAKEDTVLGGEYPLEKGDELMVLIPQLHRDKTIWGDDVEEFRPERFENPSAIPQHAFKPFGNGQR
ACIGQQFALHEATLVLGMMLKHFDFEDHTNYELDIKETLTLKPEGFVVKAKSKKIPLLEHHHHHH
;
A,B
2 'polypeptide(L)' (I7X)(ALN)Y C,D
#
# COMPACT_ATOMS: atom_id res chain seq x y z
N LYS A 5 29.45 18.33 8.63
CA LYS A 5 29.56 17.78 9.98
C LYS A 5 28.97 18.74 11.01
N GLU A 6 29.45 19.98 11.00
CA GLU A 6 28.94 20.99 11.92
C GLU A 6 27.58 21.47 11.46
N MET A 7 26.63 21.57 12.40
CA MET A 7 25.25 21.87 12.01
C MET A 7 24.95 23.34 12.23
N PRO A 8 24.38 24.02 11.24
CA PRO A 8 24.05 25.44 11.43
C PRO A 8 22.99 25.64 12.49
N GLN A 9 22.93 26.87 12.99
CA GLN A 9 22.01 27.23 14.06
C GLN A 9 21.68 28.71 13.92
N PRO A 10 20.41 29.09 14.08
CA PRO A 10 20.06 30.51 13.98
C PRO A 10 20.55 31.31 15.16
N LYS A 11 20.27 32.61 15.17
CA LYS A 11 20.78 33.50 16.21
C LYS A 11 20.22 33.12 17.57
N THR A 12 21.02 33.38 18.61
CA THR A 12 20.68 32.99 19.97
C THR A 12 20.46 34.22 20.85
N PHE A 13 19.84 33.97 22.00
CA PHE A 13 19.45 35.01 22.95
C PHE A 13 19.96 34.64 24.35
N GLY A 14 21.28 34.47 24.45
CA GLY A 14 21.87 34.16 25.75
C GLY A 14 21.35 32.85 26.31
N GLU A 15 20.84 32.91 27.53
CA GLU A 15 20.37 31.70 28.21
C GLU A 15 19.16 31.10 27.53
N LEU A 16 18.33 31.92 26.87
CA LEU A 16 17.13 31.43 26.23
C LEU A 16 17.39 30.73 24.90
N LYS A 17 18.65 30.73 24.43
CA LYS A 17 19.08 30.07 23.19
C LYS A 17 18.20 30.57 22.04
N ASN A 18 17.57 29.67 21.27
CA ASN A 18 16.78 30.06 20.11
C ASN A 18 15.31 30.32 20.43
N LEU A 19 14.88 30.06 21.66
CA LEU A 19 13.45 30.10 21.99
C LEU A 19 12.75 31.40 21.62
N PRO A 20 13.31 32.61 21.86
CA PRO A 20 12.59 33.83 21.48
C PRO A 20 12.26 33.92 20.00
N LEU A 21 12.93 33.15 19.14
CA LEU A 21 12.58 33.14 17.72
C LEU A 21 11.17 32.64 17.49
N LEU A 22 10.64 31.84 18.41
CA LEU A 22 9.27 31.37 18.29
C LEU A 22 8.26 32.36 18.84
N ASN A 23 8.70 33.41 19.54
CA ASN A 23 7.78 34.43 20.06
C ASN A 23 7.43 35.38 18.92
N THR A 24 6.67 34.85 17.97
CA THR A 24 6.18 35.59 16.81
C THR A 24 4.87 34.99 16.37
N ASP A 25 4.05 35.79 15.69
CA ASP A 25 2.73 35.30 15.30
C ASP A 25 2.74 34.44 14.06
N LYS A 26 3.88 34.32 13.37
CA LYS A 26 4.02 33.46 12.19
C LYS A 26 5.27 32.60 12.34
N PRO A 27 5.24 31.63 13.26
CA PRO A 27 6.46 30.86 13.53
C PRO A 27 6.87 29.92 12.40
N VAL A 28 5.91 29.29 11.71
CA VAL A 28 6.25 28.41 10.61
C VAL A 28 6.94 29.20 9.49
N GLN A 29 6.37 30.35 9.12
CA GLN A 29 7.00 31.17 8.10
C GLN A 29 8.34 31.72 8.56
N ALA A 30 8.49 31.97 9.86
CA ALA A 30 9.80 32.35 10.38
C ALA A 30 10.80 31.22 10.25
N LEU A 31 10.37 29.97 10.50
CA LEU A 31 11.26 28.84 10.35
C LEU A 31 11.62 28.59 8.88
N MET A 32 10.69 28.87 7.98
CA MET A 32 10.99 28.77 6.55
C MET A 32 12.08 29.77 6.15
N LYS A 33 12.01 30.99 6.70
CA LYS A 33 13.02 32.00 6.39
C LYS A 33 14.38 31.60 6.96
N ILE A 34 14.40 30.95 8.12
CA ILE A 34 15.66 30.46 8.68
C ILE A 34 16.24 29.37 7.78
N ALA A 35 15.39 28.46 7.29
CA ALA A 35 15.85 27.42 6.38
C ALA A 35 16.41 28.02 5.09
N ASP A 36 15.79 29.09 4.59
CA ASP A 36 16.33 29.79 3.43
C ASP A 36 17.74 30.28 3.70
N GLU A 37 18.00 30.74 4.92
CA GLU A 37 19.31 31.27 5.29
C GLU A 37 20.31 30.16 5.57
N LEU A 38 19.91 29.13 6.33
CA LEU A 38 20.85 28.16 6.86
C LEU A 38 20.92 26.85 6.06
N GLY A 39 19.91 26.54 5.28
CA GLY A 39 19.94 25.37 4.43
C GLY A 39 19.10 24.20 4.92
N GLU A 40 19.52 23.01 4.49
CA GLU A 40 18.68 21.81 4.60
C GLU A 40 18.52 21.32 6.03
N ILE A 41 19.35 21.77 6.96
CA ILE A 41 19.24 21.31 8.34
C ILE A 41 19.83 22.38 9.25
N PHE A 42 19.13 22.69 10.34
CA PHE A 42 19.67 23.56 11.37
C PHE A 42 19.20 23.08 12.74
N LYS A 43 20.05 23.32 13.73
CA LYS A 43 19.74 22.98 15.11
C LYS A 43 18.92 24.10 15.74
N PHE A 44 17.96 23.72 16.58
CA PHE A 44 17.13 24.68 17.30
C PHE A 44 17.18 24.30 18.77
N GLU A 45 17.76 25.18 19.58
CA GLU A 45 17.96 24.92 21.00
C GLU A 45 17.09 25.85 21.83
N ALA A 46 16.59 25.31 22.94
CA ALA A 46 15.82 26.06 23.92
C ALA A 46 16.20 25.50 25.29
N PRO A 47 15.80 26.13 26.40
CA PRO A 47 16.06 25.50 27.71
C PRO A 47 15.51 24.10 27.81
N GLY A 48 16.41 23.12 27.91
CA GLY A 48 16.00 21.74 28.06
C GLY A 48 15.39 21.09 26.83
N ARG A 49 15.66 21.63 25.64
CA ARG A 49 15.11 21.10 24.41
C ARG A 49 16.10 21.32 23.28
N VAL A 50 16.31 20.28 22.48
CA VAL A 50 17.10 20.37 21.26
C VAL A 50 16.35 19.62 20.18
N THR A 51 16.17 20.27 19.02
CA THR A 51 15.57 19.61 17.87
C THR A 51 16.27 20.11 16.63
N ARG A 52 15.98 19.44 15.50
CA ARG A 52 16.64 19.72 14.24
C ARG A 52 15.58 19.80 13.14
N TYR A 53 15.59 20.91 12.40
CA TYR A 53 14.60 21.15 11.35
C TYR A 53 15.19 20.73 10.01
N LEU A 54 14.50 19.82 9.33
CA LEU A 54 14.92 19.31 8.03
C LEU A 54 14.08 19.95 6.93
N SER A 55 14.73 20.28 5.81
CA SER A 55 14.06 20.98 4.71
C SER A 55 14.31 20.38 3.34
N SER A 56 15.27 19.47 3.18
CA SER A 56 15.60 18.92 1.88
C SER A 56 15.05 17.51 1.71
N GLN A 57 14.68 17.17 0.47
CA GLN A 57 14.27 15.82 0.16
C GLN A 57 15.38 14.83 0.45
N ARG A 58 16.63 15.24 0.27
CA ARG A 58 17.78 14.36 0.51
C ARG A 58 17.76 13.80 1.93
N LEU A 59 17.56 14.68 2.92
CA LEU A 59 17.57 14.23 4.32
C LEU A 59 16.22 13.72 4.79
N ILE A 60 15.13 14.29 4.28
CA ILE A 60 13.80 13.88 4.74
C ILE A 60 13.48 12.47 4.27
N LYS A 61 13.97 12.06 3.09
CA LYS A 61 13.74 10.70 2.65
C LYS A 61 14.39 9.68 3.60
N GLU A 62 15.48 10.07 4.27
CA GLU A 62 16.05 9.22 5.31
C GLU A 62 15.21 9.26 6.58
N ALA A 63 14.74 10.45 6.96
CA ALA A 63 13.92 10.57 8.17
C ALA A 63 12.64 9.76 8.07
N CYS A 64 12.15 9.53 6.86
CA CYS A 64 10.94 8.73 6.66
C CYS A 64 11.18 7.24 6.69
N ASP A 65 12.40 6.81 6.99
CA ASP A 65 12.71 5.39 7.16
C ASP A 65 12.17 4.93 8.51
N GLU A 66 11.07 4.18 8.48
CA GLU A 66 10.41 3.77 9.71
C GLU A 66 11.24 2.78 10.53
N SER A 67 12.23 2.12 9.92
CA SER A 67 13.11 1.27 10.71
C SER A 67 14.08 2.09 11.55
N ARG A 68 14.29 3.35 11.20
CA ARG A 68 15.24 4.22 11.89
C ARG A 68 14.59 5.33 12.69
N PHE A 69 13.39 5.77 12.31
CA PHE A 69 12.73 6.87 13.00
C PHE A 69 11.26 6.55 13.19
N ASP A 70 10.72 6.96 14.33
CA ASP A 70 9.33 6.79 14.70
C ASP A 70 8.72 8.16 14.96
N LYS A 71 7.40 8.24 14.95
CA LYS A 71 6.74 9.52 15.21
C LYS A 71 7.02 9.98 16.64
N ASN A 72 7.38 11.25 16.76
CA ASN A 72 7.55 11.89 18.06
C ASN A 72 6.40 12.85 18.31
N LEU A 73 5.98 12.96 19.57
CA LEU A 73 5.03 13.99 19.95
C LEU A 73 5.80 15.29 20.15
N SER A 74 5.61 16.24 19.24
CA SER A 74 6.17 17.56 19.42
C SER A 74 5.57 18.22 20.66
N GLN A 75 6.18 19.33 21.08
CA GLN A 75 5.62 20.07 22.21
C GLN A 75 4.19 20.49 21.93
N ALA A 76 3.88 20.84 20.68
CA ALA A 76 2.52 21.21 20.31
C ALA A 76 1.56 20.03 20.47
N LEU A 77 1.95 18.85 19.99
CA LEU A 77 1.08 17.68 20.13
C LEU A 77 0.90 17.30 21.59
N LYS A 78 1.96 17.45 22.40
CA LYS A 78 1.83 17.14 23.82
C LYS A 78 0.79 18.04 24.49
N PHE A 79 0.74 19.31 24.09
CA PHE A 79 -0.26 20.22 24.66
C PHE A 79 -1.66 19.89 24.14
N VAL A 80 -1.76 19.51 22.86
CA VAL A 80 -3.06 19.11 22.31
C VAL A 80 -3.54 17.82 22.99
N ARG A 81 -2.62 16.93 23.37
CA ARG A 81 -3.00 15.69 24.04
C ARG A 81 -3.80 15.94 25.31
N ASP A 82 -3.65 17.11 25.94
CA ASP A 82 -4.40 17.39 27.16
C ASP A 82 -5.90 17.38 26.95
N PHE A 83 -6.37 17.50 25.70
CA PHE A 83 -7.78 17.27 25.40
C PHE A 83 -8.03 16.29 24.27
N ALA A 84 -7.04 15.98 23.43
CA ALA A 84 -7.17 14.94 22.44
C ALA A 84 -6.83 13.55 22.98
N GLY A 85 -6.27 13.48 24.18
CA GLY A 85 -5.98 12.23 24.87
C GLY A 85 -5.09 11.32 24.06
N ASP A 86 -5.33 10.01 24.20
CA ASP A 86 -4.64 9.02 23.37
C ASP A 86 -5.43 8.68 22.12
N GLY A 87 -6.07 9.68 21.51
CA GLY A 87 -6.56 9.53 20.16
C GLY A 87 -5.42 9.27 19.20
N LEU A 88 -5.78 8.98 17.95
CA LEU A 88 -4.79 8.50 16.98
C LEU A 88 -3.66 9.50 16.78
N ALA A 89 -4.00 10.80 16.77
CA ALA A 89 -3.02 11.82 16.40
C ALA A 89 -2.07 12.20 17.53
N THR A 90 -2.45 11.98 18.79
CA THR A 90 -1.61 12.40 19.92
C THR A 90 -1.14 11.23 20.76
N SER A 91 -1.20 10.01 20.24
CA SER A 91 -0.72 8.83 20.94
CA SER A 91 -0.72 8.83 20.94
C SER A 91 0.62 8.38 20.36
N TRP A 92 1.44 7.78 21.21
CA TRP A 92 2.69 7.20 20.76
C TRP A 92 2.42 5.88 20.05
N THR A 93 3.31 5.54 19.10
CA THR A 93 3.14 4.32 18.32
C THR A 93 3.14 3.09 19.22
N HIS A 94 3.86 3.14 20.33
CA HIS A 94 3.98 2.01 21.25
C HIS A 94 2.83 1.92 22.25
N GLU A 95 1.90 2.90 22.26
CA GLU A 95 0.75 2.82 23.14
C GLU A 95 -0.28 1.84 22.60
N LYS A 96 -0.81 0.99 23.48
CA LYS A 96 -1.75 -0.04 23.07
C LYS A 96 -2.94 0.55 22.31
N ASN A 97 -3.39 1.74 22.72
CA ASN A 97 -4.57 2.33 22.10
C ASN A 97 -4.31 2.87 20.70
N TRP A 98 -3.05 3.11 20.32
CA TRP A 98 -2.82 3.57 18.96
C TRP A 98 -3.07 2.45 17.94
N LYS A 99 -2.33 1.35 18.07
CA LYS A 99 -2.46 0.26 17.11
C LYS A 99 -3.87 -0.32 17.12
N LYS A 100 -4.50 -0.35 18.29
CA LYS A 100 -5.88 -0.82 18.42
C LYS A 100 -6.83 0.07 17.61
N ALA A 101 -6.81 1.38 17.87
CA ALA A 101 -7.67 2.28 17.12
C ALA A 101 -7.28 2.32 15.65
N HIS A 102 -5.99 2.20 15.34
CA HIS A 102 -5.52 2.17 13.96
C HIS A 102 -6.14 1.00 13.20
N ASN A 103 -6.04 -0.21 13.77
CA ASN A 103 -6.63 -1.38 13.12
C ASN A 103 -8.13 -1.22 12.94
N ILE A 104 -8.81 -0.67 13.95
CA ILE A 104 -10.27 -0.58 13.91
C ILE A 104 -10.74 0.49 12.92
N LEU A 105 -10.04 1.62 12.87
CA LEU A 105 -10.53 2.77 12.12
C LEU A 105 -10.08 2.79 10.67
N LEU A 106 -9.02 2.06 10.33
CA LEU A 106 -8.51 2.04 8.96
C LEU A 106 -9.56 1.68 7.91
N PRO A 107 -10.39 0.64 8.08
CA PRO A 107 -11.40 0.36 7.04
C PRO A 107 -12.46 1.44 6.91
N SER A 108 -12.80 2.16 7.97
CA SER A 108 -13.81 3.20 7.89
C SER A 108 -13.27 4.50 7.30
N PHE A 109 -11.99 4.57 6.98
CA PHE A 109 -11.39 5.73 6.34
C PHE A 109 -10.87 5.41 4.94
N SER A 110 -11.17 4.23 4.42
CA SER A 110 -10.66 3.80 3.13
C SER A 110 -11.36 4.55 2.00
N GLN A 111 -10.78 4.44 0.80
CA GLN A 111 -11.42 4.98 -0.39
C GLN A 111 -12.79 4.35 -0.61
N GLN A 112 -12.92 3.05 -0.33
CA GLN A 112 -14.21 2.39 -0.45
C GLN A 112 -15.21 2.90 0.59
N ALA A 113 -14.73 3.31 1.76
CA ALA A 113 -15.62 3.84 2.78
C ALA A 113 -16.16 5.23 2.41
N MET A 114 -15.46 5.95 1.53
CA MET A 114 -15.94 7.26 1.11
C MET A 114 -17.25 7.16 0.33
N LYS A 115 -17.52 6.01 -0.28
CA LYS A 115 -18.79 5.80 -0.96
C LYS A 115 -19.96 5.97 0.01
N GLY A 116 -19.78 5.50 1.24
CA GLY A 116 -20.84 5.61 2.24
C GLY A 116 -20.97 6.98 2.87
N TYR A 117 -19.88 7.74 2.93
CA TYR A 117 -19.92 9.10 3.47
C TYR A 117 -20.38 10.12 2.44
N HIS A 118 -20.43 9.74 1.16
CA HIS A 118 -20.60 10.70 0.08
C HIS A 118 -21.89 11.50 0.23
N ALA A 119 -22.99 10.82 0.58
CA ALA A 119 -24.29 11.51 0.66
C ALA A 119 -24.28 12.59 1.73
N MET A 120 -23.64 12.33 2.88
CA MET A 120 -23.56 13.34 3.92
C MET A 120 -22.67 14.51 3.51
N MET A 121 -21.58 14.22 2.79
CA MET A 121 -20.75 15.29 2.26
C MET A 121 -21.53 16.16 1.29
N VAL A 122 -22.33 15.53 0.41
CA VAL A 122 -23.14 16.30 -0.53
C VAL A 122 -24.12 17.18 0.21
N ASP A 123 -24.69 16.67 1.29
CA ASP A 123 -25.63 17.44 2.12
C ASP A 123 -25.05 18.80 2.51
N ILE A 124 -23.83 18.79 3.06
CA ILE A 124 -23.22 20.04 3.51
C ILE A 124 -22.76 20.87 2.33
N ALA A 125 -22.22 20.22 1.29
CA ALA A 125 -21.76 20.95 0.11
C ALA A 125 -22.89 21.72 -0.55
N VAL A 126 -24.10 21.13 -0.58
CA VAL A 126 -25.25 21.82 -1.16
C VAL A 126 -25.63 23.03 -0.32
N GLN A 127 -25.48 22.95 0.99
CA GLN A 127 -25.75 24.11 1.83
C GLN A 127 -24.79 25.26 1.52
N LEU A 128 -23.52 24.94 1.28
CA LEU A 128 -22.56 25.96 0.89
C LEU A 128 -22.94 26.60 -0.45
N VAL A 129 -23.27 25.77 -1.44
CA VAL A 129 -23.64 26.30 -2.75
C VAL A 129 -24.88 27.17 -2.63
N GLN A 130 -25.88 26.72 -1.86
CA GLN A 130 -27.11 27.51 -1.73
C GLN A 130 -26.85 28.82 -1.01
N LYS A 131 -25.96 28.83 0.00
CA LYS A 131 -25.63 30.08 0.65
C LYS A 131 -25.10 31.10 -0.35
N TRP A 132 -24.18 30.66 -1.22
CA TRP A 132 -23.59 31.58 -2.19
C TRP A 132 -24.60 31.94 -3.28
N GLU A 133 -25.51 31.00 -3.63
CA GLU A 133 -26.55 31.33 -4.59
C GLU A 133 -27.49 32.40 -4.07
N ARG A 134 -27.64 32.49 -2.74
CA ARG A 134 -28.60 33.40 -2.13
C ARG A 134 -27.99 34.73 -1.71
N LEU A 135 -26.71 34.96 -2.00
CA LEU A 135 -26.10 36.25 -1.74
C LEU A 135 -26.67 37.30 -2.68
N ASN A 136 -26.76 38.53 -2.18
CA ASN A 136 -27.23 39.62 -3.00
C ASN A 136 -26.07 40.18 -3.84
N ALA A 137 -26.42 41.02 -4.81
CA ALA A 137 -25.42 41.63 -5.68
C ALA A 137 -24.40 42.41 -4.86
N ASP A 138 -23.14 42.33 -5.30
CA ASP A 138 -22.02 43.07 -4.71
C ASP A 138 -21.74 42.67 -3.26
N GLU A 139 -22.46 41.68 -2.74
CA GLU A 139 -22.00 41.02 -1.53
C GLU A 139 -20.84 40.10 -1.88
N HIS A 140 -20.02 39.79 -0.88
CA HIS A 140 -18.82 38.99 -1.11
C HIS A 140 -18.80 37.80 -0.16
N ILE A 141 -17.82 36.93 -0.36
CA ILE A 141 -17.68 35.70 0.38
C ILE A 141 -16.42 35.79 1.24
N GLU A 142 -16.55 35.42 2.51
CA GLU A 142 -15.39 35.24 3.39
C GLU A 142 -14.98 33.77 3.26
N VAL A 143 -13.91 33.51 2.52
CA VAL A 143 -13.59 32.17 2.05
C VAL A 143 -13.21 31.23 3.19
N PRO A 144 -12.16 31.49 3.98
CA PRO A 144 -11.83 30.53 5.04
C PRO A 144 -12.95 30.35 6.05
N GLU A 145 -13.73 31.40 6.31
CA GLU A 145 -14.84 31.27 7.24
C GLU A 145 -15.89 30.29 6.72
N ASP A 146 -16.25 30.39 5.45
CA ASP A 146 -17.25 29.47 4.91
C ASP A 146 -16.69 28.06 4.73
N MET A 147 -15.43 27.94 4.31
CA MET A 147 -14.82 26.62 4.19
C MET A 147 -14.79 25.91 5.54
N THR A 148 -14.53 26.65 6.62
CA THR A 148 -14.51 26.03 7.95
C THR A 148 -15.92 25.61 8.37
N ARG A 149 -16.94 26.42 8.04
CA ARG A 149 -18.31 25.99 8.26
C ARG A 149 -18.58 24.65 7.59
N LEU A 150 -18.13 24.51 6.35
CA LEU A 150 -18.37 23.30 5.57
C LEU A 150 -17.64 22.10 6.17
N THR A 151 -16.32 22.21 6.34
CA THR A 151 -15.54 21.05 6.79
C THR A 151 -15.97 20.61 8.19
N LEU A 152 -16.25 21.58 9.07
CA LEU A 152 -16.63 21.24 10.43
C LEU A 152 -17.98 20.56 10.47
N ASP A 153 -18.96 21.03 9.68
CA ASP A 153 -20.24 20.36 9.62
C ASP A 153 -20.12 18.99 8.96
N THR A 154 -19.23 18.85 7.99
CA THR A 154 -19.08 17.56 7.30
C THR A 154 -18.51 16.50 8.23
N ILE A 155 -17.53 16.86 9.06
CA ILE A 155 -16.98 15.87 9.99
C ILE A 155 -17.95 15.58 11.12
N GLY A 156 -18.72 16.58 11.55
CA GLY A 156 -19.74 16.31 12.56
C GLY A 156 -20.77 15.31 12.08
N LEU A 157 -21.18 15.43 10.82
CA LEU A 157 -22.20 14.56 10.26
C LEU A 157 -21.65 13.17 9.96
N CYS A 158 -20.50 13.11 9.28
CA CYS A 158 -19.91 11.82 8.95
C CYS A 158 -19.27 11.16 10.17
N GLY A 159 -18.84 11.94 11.14
CA GLY A 159 -18.19 11.40 12.32
C GLY A 159 -19.16 10.78 13.31
N PHE A 160 -20.23 11.50 13.64
CA PHE A 160 -21.17 10.99 14.64
C PHE A 160 -22.59 11.53 14.42
N ASN A 161 -22.97 11.79 13.17
CA ASN A 161 -24.35 12.12 12.79
C ASN A 161 -24.88 13.31 13.58
N TYR A 162 -24.01 14.31 13.79
CA TYR A 162 -24.38 15.49 14.55
C TYR A 162 -24.29 16.70 13.65
N ARG A 163 -25.31 17.55 13.69
CA ARG A 163 -25.38 18.74 12.86
C ARG A 163 -25.01 19.95 13.69
N PHE A 164 -23.80 20.48 13.46
CA PHE A 164 -23.42 21.75 14.06
C PHE A 164 -24.21 22.91 13.48
N ASN A 165 -24.77 22.74 12.27
CA ASN A 165 -25.61 23.74 11.62
C ASN A 165 -24.88 25.08 11.51
N SER A 166 -23.63 25.02 11.05
CA SER A 166 -22.79 26.20 10.99
C SER A 166 -23.31 27.24 10.02
N PHE A 167 -24.03 26.82 8.98
CA PHE A 167 -24.58 27.76 8.01
C PHE A 167 -25.84 28.44 8.50
N TYR A 168 -26.28 28.14 9.71
CA TYR A 168 -27.39 28.85 10.35
C TYR A 168 -26.90 29.81 11.44
N ARG A 169 -25.59 30.01 11.55
CA ARG A 169 -25.02 30.68 12.71
C ARG A 169 -24.02 31.74 12.29
N ASP A 170 -23.94 32.80 13.10
CA ASP A 170 -22.82 33.73 13.11
C ASP A 170 -21.78 33.30 14.15
N GLN A 171 -22.23 33.07 15.39
CA GLN A 171 -21.42 32.53 16.47
C GLN A 171 -21.42 31.01 16.42
N PRO A 172 -20.26 30.37 16.37
CA PRO A 172 -20.22 28.91 16.18
C PRO A 172 -20.86 28.16 17.35
N HIS A 173 -21.10 26.88 17.11
CA HIS A 173 -21.60 26.00 18.16
C HIS A 173 -20.69 26.06 19.38
N PRO A 174 -21.24 26.05 20.59
CA PRO A 174 -20.40 26.17 21.80
C PRO A 174 -19.23 25.19 21.85
N PHE A 175 -19.40 23.98 21.33
CA PHE A 175 -18.29 23.03 21.30
C PHE A 175 -17.12 23.58 20.49
N ILE A 176 -17.42 24.21 19.35
CA ILE A 176 -16.37 24.75 18.50
C ILE A 176 -15.66 25.90 19.18
N THR A 177 -16.41 26.76 19.89
CA THR A 177 -15.80 27.85 20.63
C THR A 177 -14.79 27.34 21.64
N SER A 178 -15.15 26.26 22.36
CA SER A 178 -14.22 25.69 23.33
C SER A 178 -13.04 25.00 22.64
N MET A 179 -13.30 24.30 21.53
CA MET A 179 -12.22 23.64 20.80
C MET A 179 -11.23 24.65 20.26
N VAL A 180 -11.71 25.70 19.60
CA VAL A 180 -10.82 26.73 19.06
C VAL A 180 -10.02 27.38 20.18
N ARG A 181 -10.67 27.71 21.29
CA ARG A 181 -9.97 28.33 22.40
C ARG A 181 -8.98 27.38 23.06
N ALA A 182 -9.29 26.07 23.06
CA ALA A 182 -8.33 25.10 23.59
C ALA A 182 -7.10 25.00 22.70
N LEU A 183 -7.29 24.96 21.38
CA LEU A 183 -6.17 24.91 20.47
C LEU A 183 -5.32 26.18 20.55
N ASP A 184 -5.97 27.34 20.70
CA ASP A 184 -5.24 28.59 20.84
C ASP A 184 -4.36 28.57 22.09
N GLU A 185 -4.91 28.08 23.20
CA GLU A 185 -4.13 28.01 24.43
C GLU A 185 -2.95 27.06 24.31
N ALA A 186 -3.15 25.91 23.66
CA ALA A 186 -2.06 24.97 23.46
C ALA A 186 -0.91 25.59 22.67
N MET A 187 -1.24 26.32 21.61
CA MET A 187 -0.21 26.92 20.78
C MET A 187 0.46 28.09 21.48
N ASN A 188 -0.31 28.86 22.27
CA ASN A 188 0.29 29.98 23.00
C ASN A 188 1.30 29.51 24.03
N LYS A 189 1.13 28.31 24.59
CA LYS A 189 2.10 27.78 25.55
C LYS A 189 3.46 27.54 24.94
N LEU A 190 3.51 27.25 23.63
CA LEU A 190 4.79 27.02 22.98
C LEU A 190 5.63 28.28 23.04
N GLN A 191 5.03 29.40 22.66
CA GLN A 191 5.67 30.70 22.64
C GLN A 191 5.52 31.45 23.97
N ARG A 192 5.01 30.77 25.01
CA ARG A 192 4.84 31.38 26.31
C ARG A 192 6.10 31.21 27.14
N TYR A 200 -1.18 33.60 34.31
CA TYR A 200 -1.82 32.60 33.45
C TYR A 200 -2.85 31.75 34.19
N ASP A 201 -3.22 32.10 35.42
CA ASP A 201 -4.22 31.31 36.13
C ASP A 201 -5.59 31.40 35.46
N GLU A 202 -5.88 32.53 34.80
CA GLU A 202 -7.13 32.64 34.05
C GLU A 202 -7.11 31.75 32.82
N ASN A 203 -5.94 31.66 32.15
CA ASN A 203 -5.81 30.76 31.02
C ASN A 203 -6.04 29.31 31.44
N LYS A 204 -5.50 28.92 32.59
CA LYS A 204 -5.63 27.54 33.04
C LYS A 204 -7.07 27.19 33.38
N ARG A 205 -7.76 28.06 34.12
CA ARG A 205 -9.16 27.82 34.44
C ARG A 205 -10.02 27.79 33.20
N GLN A 206 -9.71 28.65 32.22
CA GLN A 206 -10.44 28.62 30.96
C GLN A 206 -10.12 27.38 30.16
N PHE A 207 -8.85 26.96 30.16
CA PHE A 207 -8.45 25.74 29.46
C PHE A 207 -9.21 24.53 30.00
N GLN A 208 -9.31 24.42 31.32
CA GLN A 208 -10.03 23.31 31.93
C GLN A 208 -11.54 23.41 31.68
N GLU A 209 -12.06 24.63 31.58
CA GLU A 209 -13.49 24.81 31.28
C GLU A 209 -13.82 24.31 29.88
N ASP A 210 -12.95 24.61 28.90
CA ASP A 210 -13.21 24.19 27.52
C ASP A 210 -13.09 22.67 27.37
N ILE A 211 -12.15 22.06 28.09
CA ILE A 211 -12.00 20.61 28.03
C ILE A 211 -13.28 19.93 28.52
N LYS A 212 -13.88 20.45 29.59
CA LYS A 212 -15.10 19.88 30.10
C LYS A 212 -16.26 20.05 29.12
N VAL A 213 -16.30 21.20 28.42
CA VAL A 213 -17.33 21.41 27.41
C VAL A 213 -17.22 20.37 26.31
N MET A 214 -16.01 20.13 25.81
CA MET A 214 -15.81 19.18 24.73
C MET A 214 -16.14 17.76 25.18
N ASN A 215 -15.63 17.36 26.34
CA ASN A 215 -15.89 16.01 26.84
C ASN A 215 -17.39 15.78 27.07
N ASP A 216 -18.07 16.75 27.67
CA ASP A 216 -19.47 16.57 28.02
C ASP A 216 -20.34 16.33 26.79
N LEU A 217 -20.17 17.15 25.74
CA LEU A 217 -20.98 16.98 24.54
C LEU A 217 -20.69 15.64 23.87
N VAL A 218 -19.41 15.31 23.69
CA VAL A 218 -19.04 14.08 23.00
C VAL A 218 -19.49 12.86 23.79
N ASP A 219 -19.24 12.87 25.11
CA ASP A 219 -19.68 11.75 25.94
C ASP A 219 -21.19 11.60 25.92
N LYS A 220 -21.92 12.72 25.88
CA LYS A 220 -23.38 12.65 25.83
C LYS A 220 -23.86 12.02 24.53
N ILE A 221 -23.24 12.38 23.40
CA ILE A 221 -23.65 11.82 22.12
C ILE A 221 -23.38 10.32 22.10
N ILE A 222 -22.25 9.88 22.66
CA ILE A 222 -21.95 8.46 22.75
C ILE A 222 -23.04 7.74 23.53
N ALA A 223 -23.34 8.25 24.74
CA ALA A 223 -24.35 7.63 25.58
C ALA A 223 -25.71 7.64 24.90
N ASP A 224 -26.06 8.76 24.25
CA ASP A 224 -27.30 8.81 23.49
C ASP A 224 -27.33 7.73 22.42
N ARG A 225 -26.23 7.54 21.71
CA ARG A 225 -26.20 6.52 20.67
C ARG A 225 -26.30 5.12 21.26
N LYS A 226 -25.61 4.87 22.37
CA LYS A 226 -25.73 3.56 23.00
C LYS A 226 -27.11 3.36 23.60
N ALA A 227 -27.69 4.44 24.15
CA ALA A 227 -29.03 4.35 24.72
C ALA A 227 -30.10 4.26 23.64
N SER A 228 -29.76 4.61 22.40
CA SER A 228 -30.68 4.55 21.27
C SER A 228 -30.57 3.22 20.52
N GLY A 229 -29.36 2.70 20.37
CA GLY A 229 -29.13 1.48 19.62
C GLY A 229 -29.25 1.60 18.12
N GLU A 230 -29.41 2.82 17.60
CA GLU A 230 -29.54 3.02 16.17
C GLU A 230 -28.20 2.85 15.47
N GLN A 231 -28.27 2.46 14.20
CA GLN A 231 -27.11 2.16 13.37
C GLN A 231 -27.05 3.18 12.23
N SER A 232 -26.04 4.04 12.23
CA SER A 232 -25.86 5.04 11.19
C SER A 232 -24.64 4.70 10.34
N ASP A 233 -24.44 5.51 9.28
CA ASP A 233 -23.28 5.40 8.42
C ASP A 233 -22.12 6.27 8.87
N ASP A 234 -21.96 6.46 10.17
CA ASP A 234 -20.95 7.37 10.71
C ASP A 234 -19.83 6.60 11.40
N LEU A 235 -18.75 7.33 11.70
CA LEU A 235 -17.61 6.72 12.37
C LEU A 235 -17.95 6.22 13.77
N LEU A 236 -18.90 6.88 14.44
CA LEU A 236 -19.26 6.48 15.79
C LEU A 236 -19.83 5.07 15.81
N THR A 237 -20.71 4.75 14.84
CA THR A 237 -21.25 3.40 14.74
C THR A 237 -20.16 2.37 14.55
N HIS A 238 -19.19 2.66 13.67
CA HIS A 238 -18.10 1.73 13.43
C HIS A 238 -17.28 1.49 14.68
N MET A 239 -17.07 2.54 15.49
CA MET A 239 -16.27 2.40 16.70
C MET A 239 -17.02 1.68 17.81
N LEU A 240 -18.35 1.82 17.85
CA LEU A 240 -19.12 1.14 18.89
C LEU A 240 -19.23 -0.36 18.63
N ASN A 241 -19.13 -0.80 17.38
CA ASN A 241 -19.27 -2.21 17.05
C ASN A 241 -17.96 -2.86 16.61
N GLY A 242 -16.94 -2.08 16.29
CA GLY A 242 -15.72 -2.66 15.76
C GLY A 242 -14.87 -3.31 16.84
N LYS A 243 -14.15 -4.34 16.44
CA LYS A 243 -13.19 -5.04 17.29
C LYS A 243 -11.83 -5.08 16.60
N ASP A 244 -10.79 -4.78 17.36
CA ASP A 244 -9.42 -4.91 16.87
C ASP A 244 -9.14 -6.37 16.53
N PRO A 245 -8.79 -6.70 15.28
CA PRO A 245 -8.48 -8.10 14.96
C PRO A 245 -7.33 -8.65 15.77
N GLU A 246 -6.34 -7.82 16.12
CA GLU A 246 -5.16 -8.30 16.84
C GLU A 246 -5.51 -8.71 18.26
N THR A 247 -5.96 -7.74 19.08
CA THR A 247 -6.26 -8.04 20.47
C THR A 247 -7.65 -8.64 20.66
N GLY A 248 -8.53 -8.52 19.68
CA GLY A 248 -9.92 -8.92 19.83
C GLY A 248 -10.76 -7.94 20.61
N GLU A 249 -10.20 -6.79 21.03
CA GLU A 249 -10.87 -5.84 21.91
C GLU A 249 -11.46 -4.68 21.12
N PRO A 250 -12.57 -4.12 21.58
CA PRO A 250 -13.06 -2.85 21.03
C PRO A 250 -12.46 -1.66 21.76
N LEU A 251 -12.61 -0.50 21.13
CA LEU A 251 -12.26 0.75 21.81
C LEU A 251 -13.23 1.00 22.96
N ASP A 252 -12.70 1.46 24.08
CA ASP A 252 -13.58 1.83 25.18
C ASP A 252 -14.16 3.22 24.93
N ASP A 253 -15.18 3.56 25.72
CA ASP A 253 -15.91 4.81 25.47
C ASP A 253 -15.04 6.04 25.63
N GLU A 254 -14.08 6.02 26.56
CA GLU A 254 -13.21 7.18 26.74
C GLU A 254 -12.33 7.41 25.52
N ASN A 255 -11.72 6.35 24.99
CA ASN A 255 -10.87 6.52 23.82
C ASN A 255 -11.69 6.92 22.60
N ILE A 256 -12.90 6.39 22.47
CA ILE A 256 -13.78 6.82 21.39
C ILE A 256 -14.00 8.33 21.46
N ARG A 257 -14.19 8.86 22.66
CA ARG A 257 -14.31 10.31 22.83
C ARG A 257 -13.09 11.03 22.28
N TYR A 258 -11.88 10.53 22.57
CA TYR A 258 -10.68 11.19 22.09
C TYR A 258 -10.58 11.11 20.57
N GLN A 259 -11.06 10.01 19.99
CA GLN A 259 -11.06 9.88 18.53
C GLN A 259 -11.97 10.92 17.88
N ILE A 260 -13.20 11.07 18.38
CA ILE A 260 -14.12 12.03 17.78
C ILE A 260 -13.60 13.45 17.95
N ILE A 261 -13.11 13.78 19.15
CA ILE A 261 -12.48 15.09 19.34
C ILE A 261 -11.29 15.25 18.38
N THR A 262 -10.55 14.17 18.16
CA THR A 262 -9.38 14.23 17.28
C THR A 262 -9.80 14.50 15.84
N PHE A 263 -10.83 13.81 15.36
CA PHE A 263 -11.30 14.03 13.99
C PHE A 263 -11.67 15.48 13.75
N LEU A 264 -12.34 16.09 14.73
CA LEU A 264 -12.74 17.50 14.61
C LEU A 264 -11.53 18.41 14.59
N ILE A 265 -10.56 18.17 15.47
CA ILE A 265 -9.33 18.98 15.50
C ILE A 265 -8.50 18.73 14.25
N ALA A 266 -8.11 17.48 14.03
CA ALA A 266 -7.16 17.14 12.98
C ALA A 266 -7.72 17.36 11.58
N GLY A 267 -9.04 17.38 11.42
CA GLY A 267 -9.62 17.36 10.10
C GLY A 267 -10.23 18.64 9.58
N HIS A 268 -10.82 19.46 10.47
CA HIS A 268 -11.65 20.56 10.00
C HIS A 268 -10.82 21.70 9.41
N GLU A 269 -9.78 22.14 10.12
CA GLU A 269 -9.07 23.36 9.72
C GLU A 269 -8.01 23.06 8.67
N THR A 270 -7.39 21.89 8.74
CA THR A 270 -6.49 21.48 7.67
C THR A 270 -7.23 21.42 6.34
N THR A 271 -8.43 20.85 6.34
CA THR A 271 -9.18 20.70 5.10
C THR A 271 -9.75 22.04 4.62
N SER A 272 -10.24 22.86 5.55
CA SER A 272 -10.75 24.16 5.15
C SER A 272 -9.62 25.05 4.66
N GLY A 273 -8.44 24.94 5.26
CA GLY A 273 -7.29 25.67 4.75
C GLY A 273 -6.91 25.24 3.34
N LEU A 274 -6.94 23.93 3.07
CA LEU A 274 -6.66 23.44 1.74
C LEU A 274 -7.64 24.01 0.72
N LEU A 275 -8.93 24.01 1.05
CA LEU A 275 -9.92 24.59 0.15
C LEU A 275 -9.68 26.08 -0.04
N SER A 276 -9.36 26.80 1.04
CA SER A 276 -9.15 28.23 0.94
C SER A 276 -7.90 28.55 0.11
N PHE A 277 -6.80 27.84 0.36
CA PHE A 277 -5.59 28.04 -0.44
C PHE A 277 -5.82 27.65 -1.89
N ALA A 278 -6.59 26.60 -2.14
CA ALA A 278 -6.85 26.17 -3.50
C ALA A 278 -7.61 27.25 -4.27
N LEU A 279 -8.66 27.80 -3.66
CA LEU A 279 -9.41 28.85 -4.33
C LEU A 279 -8.56 30.10 -4.51
N TYR A 280 -7.74 30.44 -3.51
CA TYR A 280 -6.80 31.55 -3.65
C TYR A 280 -5.90 31.37 -4.87
N PHE A 281 -5.29 30.19 -5.01
CA PHE A 281 -4.39 29.98 -6.14
C PHE A 281 -5.14 29.98 -7.47
N LEU A 282 -6.38 29.48 -7.48
CA LEU A 282 -7.15 29.46 -8.72
C LEU A 282 -7.49 30.88 -9.19
N VAL A 283 -7.92 31.75 -8.28
CA VAL A 283 -8.28 33.10 -8.72
C VAL A 283 -7.04 33.93 -9.03
N LYS A 284 -5.87 33.53 -8.53
CA LYS A 284 -4.62 34.19 -8.89
C LYS A 284 -4.03 33.64 -10.18
N ASN A 285 -4.54 32.53 -10.69
CA ASN A 285 -4.03 31.90 -11.91
C ASN A 285 -5.21 31.60 -12.82
N PRO A 286 -5.70 32.60 -13.56
CA PRO A 286 -6.94 32.42 -14.33
C PRO A 286 -6.90 31.32 -15.35
N HIS A 287 -5.74 31.01 -15.92
CA HIS A 287 -5.66 29.91 -16.88
C HIS A 287 -5.90 28.57 -16.19
N VAL A 288 -5.32 28.38 -15.00
CA VAL A 288 -5.56 27.16 -14.24
C VAL A 288 -7.02 27.07 -13.82
N LEU A 289 -7.59 28.19 -13.37
CA LEU A 289 -8.99 28.19 -12.97
C LEU A 289 -9.90 27.79 -14.13
N GLN A 290 -9.64 28.34 -15.32
CA GLN A 290 -10.43 27.97 -16.49
C GLN A 290 -10.33 26.48 -16.78
N LYS A 291 -9.13 25.92 -16.67
CA LYS A 291 -8.94 24.49 -16.92
C LYS A 291 -9.72 23.66 -15.92
N ALA A 292 -9.66 24.03 -14.64
CA ALA A 292 -10.41 23.28 -13.62
C ALA A 292 -11.91 23.46 -13.81
N ALA A 293 -12.36 24.66 -14.18
CA ALA A 293 -13.78 24.89 -14.36
C ALA A 293 -14.32 24.11 -15.56
N GLU A 294 -13.53 24.00 -16.63
CA GLU A 294 -13.93 23.21 -17.78
C GLU A 294 -14.11 21.74 -17.40
N GLU A 295 -13.19 21.19 -16.62
CA GLU A 295 -13.33 19.81 -16.16
C GLU A 295 -14.58 19.63 -15.31
N ALA A 296 -14.83 20.57 -14.39
CA ALA A 296 -16.02 20.47 -13.54
C ALA A 296 -17.29 20.42 -14.37
N ALA A 297 -17.38 21.26 -15.41
CA ALA A 297 -18.57 21.29 -16.24
C ALA A 297 -18.72 20.00 -17.05
N ARG A 298 -17.60 19.43 -17.49
CA ARG A 298 -17.67 18.22 -18.31
C ARG A 298 -18.03 17.00 -17.46
N VAL A 299 -17.55 16.95 -16.23
CA VAL A 299 -17.71 15.74 -15.41
C VAL A 299 -19.00 15.78 -14.62
N LEU A 300 -19.34 16.92 -14.01
CA LEU A 300 -20.49 17.01 -13.10
C LEU A 300 -21.76 17.30 -13.91
N VAL A 301 -22.21 16.28 -14.64
CA VAL A 301 -23.34 16.44 -15.56
C VAL A 301 -24.68 16.26 -14.88
N ASP A 302 -24.70 15.90 -13.60
CA ASP A 302 -25.93 15.72 -12.84
C ASP A 302 -26.13 16.83 -11.84
N PRO A 303 -27.37 17.07 -11.38
CA PRO A 303 -27.60 18.12 -10.38
C PRO A 303 -26.86 17.86 -9.07
N VAL A 304 -26.62 16.61 -8.73
CA VAL A 304 -25.88 16.22 -7.54
C VAL A 304 -24.71 15.37 -7.98
N PRO A 305 -23.47 15.71 -7.62
CA PRO A 305 -22.33 14.88 -8.02
C PRO A 305 -22.41 13.51 -7.36
N SER A 306 -22.00 12.50 -8.12
CA SER A 306 -21.89 11.14 -7.59
C SER A 306 -20.48 10.88 -7.08
N TYR A 307 -20.34 9.78 -6.34
CA TYR A 307 -19.00 9.37 -5.89
C TYR A 307 -18.09 9.13 -7.08
N LYS A 308 -18.59 8.43 -8.10
CA LYS A 308 -17.76 8.11 -9.26
C LYS A 308 -17.35 9.37 -10.01
N GLN A 309 -18.25 10.37 -10.07
CA GLN A 309 -17.92 11.62 -10.75
C GLN A 309 -16.80 12.36 -10.04
N VAL A 310 -16.80 12.36 -8.70
CA VAL A 310 -15.73 13.01 -7.95
C VAL A 310 -14.39 12.36 -8.27
N LYS A 311 -14.37 11.03 -8.40
CA LYS A 311 -13.14 10.35 -8.75
C LYS A 311 -12.62 10.74 -10.13
N GLN A 312 -13.49 11.22 -11.02
CA GLN A 312 -13.10 11.63 -12.36
C GLN A 312 -12.64 13.08 -12.42
N LEU A 313 -12.70 13.83 -11.32
CA LEU A 313 -12.20 15.21 -11.30
C LEU A 313 -10.68 15.19 -11.13
N LYS A 314 -10.01 14.71 -12.16
CA LYS A 314 -8.56 14.48 -12.11
C LYS A 314 -7.80 15.79 -11.92
N TYR A 315 -8.13 16.80 -12.74
CA TYR A 315 -7.40 18.06 -12.66
C TYR A 315 -7.69 18.80 -11.36
N VAL A 316 -8.94 18.74 -10.89
CA VAL A 316 -9.27 19.32 -9.58
C VAL A 316 -8.40 18.69 -8.50
N GLY A 317 -8.20 17.36 -8.56
CA GLY A 317 -7.32 16.71 -7.61
C GLY A 317 -5.88 17.17 -7.72
N MET A 318 -5.41 17.43 -8.94
CA MET A 318 -4.07 17.98 -9.11
C MET A 318 -3.99 19.40 -8.56
N VAL A 319 -5.05 20.19 -8.73
CA VAL A 319 -5.09 21.52 -8.13
C VAL A 319 -4.93 21.42 -6.62
N LEU A 320 -5.64 20.49 -6.00
CA LEU A 320 -5.55 20.33 -4.54
C LEU A 320 -4.15 19.89 -4.13
N ASN A 321 -3.54 18.98 -4.88
CA ASN A 321 -2.19 18.55 -4.55
C ASN A 321 -1.19 19.69 -4.67
N GLU A 322 -1.32 20.51 -5.71
CA GLU A 322 -0.42 21.66 -5.86
C GLU A 322 -0.65 22.70 -4.79
N ALA A 323 -1.89 22.86 -4.33
CA ALA A 323 -2.14 23.72 -3.17
C ALA A 323 -1.49 23.16 -1.92
N LEU A 324 -1.55 21.84 -1.75
CA LEU A 324 -0.87 21.19 -0.62
C LEU A 324 0.64 21.29 -0.74
N ARG A 325 1.17 21.36 -1.96
CA ARG A 325 2.61 21.52 -2.10
C ARG A 325 3.05 22.86 -1.56
N LEU A 326 2.42 23.95 -2.01
CA LEU A 326 2.89 25.27 -1.61
C LEU A 326 2.59 25.57 -0.15
N TRP A 327 1.40 25.21 0.34
CA TRP A 327 0.99 25.53 1.70
C TRP A 327 0.31 24.32 2.34
N PRO A 328 1.10 23.31 2.73
CA PRO A 328 0.55 22.18 3.49
C PRO A 328 -0.02 22.66 4.82
N THR A 329 -1.32 22.41 5.02
CA THR A 329 -2.02 23.02 6.16
C THR A 329 -1.69 22.35 7.48
N ALA A 330 -1.05 21.18 7.48
CA ALA A 330 -0.45 20.62 8.69
C ALA A 330 1.05 20.71 8.50
N PRO A 331 1.68 21.83 8.87
CA PRO A 331 2.96 22.20 8.24
C PRO A 331 4.19 21.46 8.77
N ALA A 332 4.07 20.62 9.80
CA ALA A 332 5.26 19.95 10.30
C ALA A 332 4.84 18.69 11.05
N PHE A 333 5.79 17.75 11.14
CA PHE A 333 5.65 16.63 12.06
C PHE A 333 7.02 16.29 12.62
N SER A 334 7.01 15.58 13.74
CA SER A 334 8.21 15.33 14.53
C SER A 334 8.54 13.84 14.54
N LEU A 335 9.84 13.55 14.63
CA LEU A 335 10.34 12.18 14.64
C LEU A 335 11.45 12.07 15.67
N TYR A 336 11.70 10.84 16.12
CA TYR A 336 12.82 10.55 17.00
C TYR A 336 13.57 9.33 16.47
N ALA A 337 14.88 9.31 16.73
CA ALA A 337 15.73 8.21 16.28
C ALA A 337 15.51 7.00 17.16
N LYS A 338 15.12 5.88 16.54
CA LYS A 338 14.93 4.64 17.30
C LYS A 338 16.25 4.12 17.87
N GLU A 339 17.35 4.32 17.14
CA GLU A 339 18.68 3.91 17.60
C GLU A 339 19.69 4.96 17.14
N ASP A 340 20.94 4.80 17.57
CA ASP A 340 22.02 5.62 17.03
C ASP A 340 22.08 5.44 15.51
N THR A 341 22.19 6.54 14.79
CA THR A 341 22.21 6.48 13.34
C THR A 341 22.85 7.77 12.82
N VAL A 342 23.22 7.74 11.54
CA VAL A 342 23.87 8.87 10.89
C VAL A 342 22.96 9.36 9.78
N LEU A 343 22.64 10.65 9.80
CA LEU A 343 21.76 11.26 8.83
C LEU A 343 22.57 11.90 7.72
N GLY A 344 22.27 11.51 6.48
CA GLY A 344 22.94 12.10 5.34
C GLY A 344 24.43 11.88 5.29
N GLY A 345 24.94 10.90 6.04
CA GLY A 345 26.36 10.59 6.02
C GLY A 345 27.27 11.62 6.64
N GLU A 346 26.74 12.59 7.39
CA GLU A 346 27.60 13.61 7.97
C GLU A 346 27.06 14.12 9.30
N TYR A 347 25.83 13.74 9.64
CA TYR A 347 25.17 14.22 10.85
C TYR A 347 24.90 13.04 11.77
N PRO A 348 25.77 12.75 12.72
CA PRO A 348 25.51 11.63 13.63
C PRO A 348 24.43 11.97 14.65
N LEU A 349 23.48 11.04 14.84
CA LEU A 349 22.37 11.17 15.78
C LEU A 349 22.41 10.05 16.82
N GLU A 350 22.09 10.40 18.07
CA GLU A 350 21.97 9.41 19.12
C GLU A 350 20.52 8.97 19.28
N LYS A 351 20.35 7.78 19.85
CA LYS A 351 19.02 7.25 20.13
C LYS A 351 18.21 8.26 20.92
N GLY A 352 17.01 8.56 20.42
CA GLY A 352 16.14 9.53 21.05
C GLY A 352 16.22 10.93 20.50
N ASP A 353 17.24 11.24 19.71
CA ASP A 353 17.37 12.58 19.14
C ASP A 353 16.16 12.89 18.26
N GLU A 354 15.71 14.14 18.32
CA GLU A 354 14.47 14.57 17.71
C GLU A 354 14.71 15.29 16.39
N LEU A 355 13.76 15.13 15.45
CA LEU A 355 13.79 15.79 14.16
C LEU A 355 12.44 16.42 13.88
N MET A 356 12.45 17.60 13.26
CA MET A 356 11.23 18.24 12.77
C MET A 356 11.31 18.31 11.26
N VAL A 357 10.25 17.90 10.58
CA VAL A 357 10.16 17.98 9.13
C VAL A 357 9.37 19.24 8.78
N LEU A 358 10.04 20.21 8.16
CA LEU A 358 9.41 21.47 7.77
C LEU A 358 8.84 21.27 6.38
N ILE A 359 7.56 20.88 6.34
CA ILE A 359 6.96 20.45 5.08
C ILE A 359 6.94 21.55 4.03
N PRO A 360 6.57 22.80 4.34
CA PRO A 360 6.58 23.82 3.28
C PRO A 360 7.95 24.01 2.63
N GLN A 361 9.03 23.84 3.39
CA GLN A 361 10.37 23.97 2.81
C GLN A 361 10.72 22.76 1.95
N LEU A 362 10.41 21.55 2.44
CA LEU A 362 10.58 20.34 1.64
C LEU A 362 9.93 20.51 0.27
N HIS A 363 8.72 21.05 0.23
CA HIS A 363 7.97 21.21 -1.02
C HIS A 363 8.52 22.31 -1.90
N ARG A 364 9.55 23.03 -1.46
CA ARG A 364 10.22 24.06 -2.27
C ARG A 364 11.64 23.67 -2.62
N ASP A 365 11.97 22.39 -2.50
CA ASP A 365 13.30 21.88 -2.85
C ASP A 365 13.48 21.95 -4.36
N LYS A 366 14.33 22.88 -4.81
CA LYS A 366 14.51 23.09 -6.25
C LYS A 366 15.16 21.88 -6.93
N THR A 367 15.93 21.08 -6.19
CA THR A 367 16.50 19.89 -6.79
C THR A 367 15.45 18.85 -7.17
N ILE A 368 14.22 19.00 -6.65
CA ILE A 368 13.13 18.09 -6.96
C ILE A 368 12.16 18.70 -7.96
N TRP A 369 11.74 19.95 -7.72
CA TRP A 369 10.65 20.55 -8.46
C TRP A 369 11.12 21.50 -9.57
N GLY A 370 12.41 21.79 -9.66
CA GLY A 370 12.90 22.76 -10.60
C GLY A 370 12.98 24.15 -9.99
N ASP A 371 13.31 25.12 -10.83
CA ASP A 371 13.50 26.49 -10.34
C ASP A 371 12.16 27.19 -10.09
N ASP A 372 11.09 26.78 -10.77
CA ASP A 372 9.80 27.43 -10.63
C ASP A 372 9.02 26.92 -9.42
N VAL A 373 9.69 26.77 -8.28
CA VAL A 373 9.05 26.15 -7.12
C VAL A 373 7.90 27.00 -6.60
N GLU A 374 7.94 28.31 -6.79
CA GLU A 374 6.90 29.18 -6.26
C GLU A 374 5.71 29.33 -7.19
N GLU A 375 5.79 28.79 -8.40
CA GLU A 375 4.68 28.88 -9.35
C GLU A 375 3.65 27.79 -9.08
N PHE A 376 2.38 28.13 -9.26
CA PHE A 376 1.27 27.20 -9.06
C PHE A 376 1.00 26.49 -10.38
N ARG A 377 1.42 25.24 -10.49
CA ARG A 377 1.23 24.46 -11.71
C ARG A 377 0.77 23.06 -11.33
N PRO A 378 -0.55 22.82 -11.33
CA PRO A 378 -1.04 21.47 -11.00
C PRO A 378 -0.50 20.38 -11.91
N GLU A 379 -0.02 20.73 -13.11
CA GLU A 379 0.53 19.73 -14.02
C GLU A 379 1.71 18.98 -13.44
N ARG A 380 2.33 19.51 -12.37
CA ARG A 380 3.42 18.81 -11.69
C ARG A 380 3.01 17.40 -11.25
N PHE A 381 1.73 17.20 -10.94
CA PHE A 381 1.25 15.96 -10.36
C PHE A 381 0.56 15.05 -11.38
N GLU A 382 0.82 15.24 -12.68
CA GLU A 382 0.19 14.39 -13.68
C GLU A 382 0.58 12.92 -13.52
N ASN A 383 1.82 12.65 -13.14
CA ASN A 383 2.30 11.28 -12.95
C ASN A 383 2.95 11.09 -11.58
N PRO A 384 2.32 10.38 -10.65
CA PRO A 384 2.95 10.18 -9.34
C PRO A 384 4.27 9.43 -9.41
N SER A 385 4.49 8.64 -10.46
CA SER A 385 5.73 7.89 -10.58
C SER A 385 6.92 8.78 -10.93
N ALA A 386 6.69 9.96 -11.50
CA ALA A 386 7.77 10.88 -11.81
C ALA A 386 8.19 11.73 -10.62
N ILE A 387 7.50 11.61 -9.49
CA ILE A 387 7.83 12.37 -8.29
C ILE A 387 8.74 11.52 -7.43
N PRO A 388 9.93 11.99 -7.06
CA PRO A 388 10.86 11.16 -6.27
C PRO A 388 10.27 10.79 -4.92
N GLN A 389 10.89 9.78 -4.30
CA GLN A 389 10.42 9.27 -3.03
C GLN A 389 10.50 10.32 -1.93
N HIS A 390 9.41 10.45 -1.17
CA HIS A 390 9.34 11.29 0.03
C HIS A 390 9.54 12.77 -0.28
N ALA A 391 9.30 13.17 -1.52
CA ALA A 391 9.37 14.58 -1.89
C ALA A 391 8.10 15.35 -1.55
N PHE A 392 6.97 14.66 -1.43
CA PHE A 392 5.66 15.28 -1.24
C PHE A 392 5.00 14.61 -0.04
N LYS A 393 4.94 15.32 1.09
CA LYS A 393 4.49 14.71 2.36
C LYS A 393 3.45 15.58 3.08
N PRO A 394 2.39 16.02 2.40
CA PRO A 394 1.39 16.84 3.10
C PRO A 394 0.58 16.06 4.13
N PHE A 395 0.58 14.73 4.06
CA PHE A 395 -0.19 13.90 4.98
C PHE A 395 0.68 13.05 5.89
N GLY A 396 1.94 13.43 6.08
CA GLY A 396 2.79 12.69 6.99
C GLY A 396 3.40 11.47 6.31
N ASN A 397 3.80 10.50 7.14
CA ASN A 397 4.61 9.40 6.65
C ASN A 397 4.25 8.08 7.31
N GLY A 398 4.23 7.02 6.51
CA GLY A 398 4.21 5.64 6.97
C GLY A 398 2.94 5.28 7.72
N GLN A 399 3.10 4.43 8.73
CA GLN A 399 1.95 4.01 9.52
C GLN A 399 1.37 5.13 10.36
N ARG A 400 2.15 6.21 10.58
CA ARG A 400 1.65 7.38 11.27
C ARG A 400 1.18 8.47 10.31
N ALA A 401 0.94 8.11 9.04
CA ALA A 401 0.41 9.07 8.08
C ALA A 401 -1.04 9.40 8.41
N CYS A 402 -1.53 10.45 7.76
CA CYS A 402 -2.90 10.91 8.00
C CYS A 402 -3.90 9.82 7.64
N ILE A 403 -4.66 9.36 8.64
CA ILE A 403 -5.69 8.37 8.36
C ILE A 403 -6.87 9.00 7.63
N GLY A 404 -7.02 10.32 7.68
CA GLY A 404 -8.15 10.96 7.04
C GLY A 404 -7.86 11.51 5.66
N GLN A 405 -6.77 11.04 5.04
CA GLN A 405 -6.33 11.60 3.76
C GLN A 405 -7.40 11.44 2.68
N GLN A 406 -7.96 10.24 2.54
CA GLN A 406 -8.99 10.04 1.52
C GLN A 406 -10.24 10.84 1.83
N PHE A 407 -10.59 10.95 3.13
CA PHE A 407 -11.72 11.77 3.53
C PHE A 407 -11.52 13.23 3.13
N ALA A 408 -10.37 13.79 3.49
CA ALA A 408 -10.11 15.20 3.19
C ALA A 408 -10.09 15.46 1.69
N LEU A 409 -9.44 14.58 0.92
CA LEU A 409 -9.34 14.80 -0.51
C LEU A 409 -10.68 14.56 -1.21
N HIS A 410 -11.49 13.62 -0.72
CA HIS A 410 -12.81 13.43 -1.31
C HIS A 410 -13.69 14.65 -1.04
N GLU A 411 -13.73 15.10 0.20
CA GLU A 411 -14.51 16.29 0.53
C GLU A 411 -14.04 17.50 -0.26
N ALA A 412 -12.72 17.72 -0.32
CA ALA A 412 -12.20 18.89 -1.00
C ALA A 412 -12.45 18.82 -2.50
N THR A 413 -12.31 17.64 -3.09
CA THR A 413 -12.56 17.50 -4.53
C THR A 413 -14.03 17.71 -4.84
N LEU A 414 -14.92 17.14 -4.04
CA LEU A 414 -16.35 17.31 -4.24
C LEU A 414 -16.74 18.79 -4.15
N VAL A 415 -16.27 19.46 -3.10
CA VAL A 415 -16.73 20.83 -2.85
C VAL A 415 -16.12 21.80 -3.86
N LEU A 416 -14.82 21.67 -4.10
CA LEU A 416 -14.18 22.52 -5.12
C LEU A 416 -14.79 22.29 -6.49
N GLY A 417 -15.10 21.02 -6.81
CA GLY A 417 -15.73 20.73 -8.08
C GLY A 417 -17.09 21.40 -8.22
N MET A 418 -17.90 21.37 -7.16
CA MET A 418 -19.21 22.02 -7.22
C MET A 418 -19.07 23.53 -7.28
N MET A 419 -18.10 24.09 -6.56
CA MET A 419 -17.86 25.54 -6.62
C MET A 419 -17.50 25.96 -8.04
N LEU A 420 -16.64 25.19 -8.72
CA LEU A 420 -16.24 25.54 -10.06
C LEU A 420 -17.36 25.34 -11.06
N LYS A 421 -18.27 24.40 -10.81
CA LYS A 421 -19.39 24.19 -11.72
C LYS A 421 -20.39 25.34 -11.64
N HIS A 422 -20.67 25.84 -10.42
CA HIS A 422 -21.81 26.71 -10.21
C HIS A 422 -21.50 28.20 -10.22
N PHE A 423 -20.24 28.61 -10.11
CA PHE A 423 -19.92 30.04 -9.99
C PHE A 423 -18.67 30.38 -10.78
N ASP A 424 -18.65 31.60 -11.30
CA ASP A 424 -17.42 32.28 -11.66
C ASP A 424 -16.97 33.13 -10.49
N PHE A 425 -15.65 33.24 -10.31
CA PHE A 425 -15.09 33.89 -9.14
C PHE A 425 -14.27 35.11 -9.55
N GLU A 426 -14.36 36.15 -8.72
CA GLU A 426 -13.64 37.40 -8.94
C GLU A 426 -12.80 37.72 -7.72
N ASP A 427 -11.52 38.01 -7.94
CA ASP A 427 -10.63 38.52 -6.90
C ASP A 427 -10.82 40.04 -6.82
N HIS A 428 -11.96 40.44 -6.26
CA HIS A 428 -12.42 41.81 -6.38
C HIS A 428 -11.57 42.80 -5.58
N THR A 429 -10.81 42.33 -4.59
CA THR A 429 -9.97 43.21 -3.79
C THR A 429 -8.50 43.12 -4.18
N ASN A 430 -8.15 42.30 -5.16
CA ASN A 430 -6.76 41.96 -5.46
C ASN A 430 -6.05 41.54 -4.16
N TYR A 431 -6.60 40.50 -3.54
CA TYR A 431 -6.23 40.11 -2.19
C TYR A 431 -4.74 39.82 -2.07
N GLU A 432 -4.12 40.37 -1.03
CA GLU A 432 -2.71 40.17 -0.75
C GLU A 432 -2.57 39.04 0.26
N LEU A 433 -1.84 37.99 -0.11
CA LEU A 433 -1.76 36.80 0.72
C LEU A 433 -1.20 37.13 2.09
N ASP A 434 -1.96 36.75 3.12
CA ASP A 434 -1.55 36.92 4.52
C ASP A 434 -1.92 35.63 5.24
N ILE A 435 -0.93 34.86 5.66
CA ILE A 435 -1.15 33.52 6.19
C ILE A 435 -1.16 33.60 7.71
N LYS A 436 -2.32 33.35 8.30
CA LYS A 436 -2.45 33.27 9.74
C LYS A 436 -2.05 31.88 10.23
N GLU A 437 -1.39 31.82 11.38
CA GLU A 437 -0.85 30.58 11.90
C GLU A 437 -1.53 30.22 13.21
N THR A 438 -2.18 29.07 13.24
CA THR A 438 -2.72 28.50 14.47
C THR A 438 -2.06 27.15 14.68
N LEU A 439 -2.84 26.09 14.88
CA LEU A 439 -2.32 24.75 14.63
C LEU A 439 -2.05 24.53 13.16
N THR A 440 -2.72 25.31 12.30
CA THR A 440 -2.66 25.14 10.86
C THR A 440 -2.40 26.47 10.17
N LEU A 441 -2.51 26.48 8.85
CA LEU A 441 -2.29 27.66 8.03
C LEU A 441 -3.55 27.98 7.24
N LYS A 442 -3.83 29.27 7.06
CA LYS A 442 -4.97 29.68 6.26
C LYS A 442 -4.72 31.08 5.72
N PRO A 443 -5.32 31.43 4.58
CA PRO A 443 -5.17 32.80 4.06
C PRO A 443 -6.16 33.75 4.71
N GLU A 444 -5.71 34.47 5.75
CA GLU A 444 -6.61 35.31 6.53
C GLU A 444 -7.15 36.45 5.68
N GLY A 445 -8.44 36.72 5.83
CA GLY A 445 -9.06 37.81 5.11
C GLY A 445 -9.27 37.57 3.64
N PHE A 446 -9.06 36.35 3.15
CA PHE A 446 -9.28 36.06 1.74
C PHE A 446 -10.76 36.15 1.44
N VAL A 447 -11.12 37.01 0.48
CA VAL A 447 -12.50 37.24 0.09
C VAL A 447 -12.58 37.22 -1.44
N VAL A 448 -13.75 36.81 -1.94
CA VAL A 448 -14.04 36.80 -3.38
C VAL A 448 -15.50 37.19 -3.58
N LYS A 449 -15.83 37.49 -4.83
CA LYS A 449 -17.21 37.61 -5.29
C LYS A 449 -17.54 36.44 -6.21
N ALA A 450 -18.74 35.89 -6.05
CA ALA A 450 -19.20 34.79 -6.88
C ALA A 450 -20.37 35.26 -7.74
N LYS A 451 -20.26 35.04 -9.05
CA LYS A 451 -21.35 35.27 -9.98
C LYS A 451 -21.91 33.91 -10.39
N SER A 452 -23.17 33.67 -10.05
CA SER A 452 -23.78 32.37 -10.29
C SER A 452 -23.88 32.09 -11.78
N LYS A 453 -23.62 30.84 -12.15
CA LYS A 453 -23.88 30.37 -13.51
C LYS A 453 -25.32 29.93 -13.70
N LYS A 454 -26.15 30.04 -12.65
CA LYS A 454 -27.58 29.75 -12.72
C LYS A 454 -27.85 28.31 -13.12
N ILE A 455 -27.04 27.40 -12.61
CA ILE A 455 -27.20 25.96 -12.86
C ILE A 455 -27.91 25.36 -11.67
N PRO A 456 -29.07 24.72 -11.84
CA PRO A 456 -29.85 24.25 -10.70
C PRO A 456 -29.24 23.03 -10.05
N LEU A 457 -29.62 22.82 -8.78
CA LEU A 457 -29.14 21.70 -7.99
C LEU A 457 -30.14 20.54 -8.02
N LYS B 5 -29.05 -14.52 -8.95
CA LYS B 5 -29.36 -15.90 -8.58
C LYS B 5 -28.87 -16.87 -9.65
N GLU B 6 -29.30 -16.65 -10.89
CA GLU B 6 -28.87 -17.50 -11.99
C GLU B 6 -27.42 -17.18 -12.35
N MET B 7 -26.63 -18.23 -12.56
CA MET B 7 -25.20 -18.01 -12.71
C MET B 7 -24.79 -18.07 -14.18
N PRO B 8 -24.04 -17.07 -14.66
CA PRO B 8 -23.61 -17.08 -16.06
C PRO B 8 -22.67 -18.25 -16.36
N GLN B 9 -22.55 -18.56 -17.65
CA GLN B 9 -21.74 -19.68 -18.12
C GLN B 9 -21.25 -19.40 -19.52
N PRO B 10 -19.97 -19.67 -19.82
CA PRO B 10 -19.46 -19.44 -21.19
C PRO B 10 -20.03 -20.42 -22.19
N LYS B 11 -19.63 -20.29 -23.46
CA LYS B 11 -20.18 -21.12 -24.52
C LYS B 11 -19.82 -22.59 -24.31
N THR B 12 -20.68 -23.47 -24.81
CA THR B 12 -20.57 -24.91 -24.62
C THR B 12 -20.29 -25.61 -25.94
N PHE B 13 -19.88 -26.87 -25.82
CA PHE B 13 -19.49 -27.70 -26.96
C PHE B 13 -20.23 -29.04 -26.89
N GLY B 14 -21.55 -28.98 -26.87
CA GLY B 14 -22.34 -30.20 -26.85
C GLY B 14 -22.08 -31.01 -25.59
N GLU B 15 -21.72 -32.28 -25.79
CA GLU B 15 -21.50 -33.17 -24.64
C GLU B 15 -20.30 -32.75 -23.81
N LEU B 16 -19.30 -32.13 -24.42
CA LEU B 16 -18.11 -31.72 -23.69
C LEU B 16 -18.31 -30.44 -22.88
N LYS B 17 -19.47 -29.80 -23.00
CA LYS B 17 -19.80 -28.60 -22.25
C LYS B 17 -18.73 -27.53 -22.45
N ASN B 18 -18.15 -27.01 -21.36
CA ASN B 18 -17.16 -25.95 -21.48
C ASN B 18 -15.73 -26.44 -21.62
N LEU B 19 -15.49 -27.74 -21.48
CA LEU B 19 -14.13 -28.26 -21.44
C LEU B 19 -13.25 -27.83 -22.62
N PRO B 20 -13.71 -27.84 -23.88
CA PRO B 20 -12.81 -27.42 -24.98
C PRO B 20 -12.29 -25.99 -24.84
N LEU B 21 -12.91 -25.14 -24.02
CA LEU B 21 -12.38 -23.80 -23.81
C LEU B 21 -10.99 -23.84 -23.19
N LEU B 22 -10.67 -24.91 -22.45
CA LEU B 22 -9.34 -25.08 -21.88
C LEU B 22 -8.35 -25.67 -22.86
N ASN B 23 -8.82 -26.12 -24.02
CA ASN B 23 -7.93 -26.63 -25.07
C ASN B 23 -7.34 -25.45 -25.84
N THR B 24 -6.49 -24.72 -25.12
CA THR B 24 -5.79 -23.57 -25.66
C THR B 24 -4.49 -23.40 -24.88
N ASP B 25 -3.51 -22.75 -25.51
CA ASP B 25 -2.22 -22.63 -24.86
C ASP B 25 -2.17 -21.50 -23.84
N LYS B 26 -3.22 -20.67 -23.75
CA LYS B 26 -3.29 -19.59 -22.76
C LYS B 26 -4.61 -19.66 -22.02
N PRO B 27 -4.80 -20.69 -21.19
CA PRO B 27 -6.12 -20.88 -20.55
C PRO B 27 -6.45 -19.85 -19.49
N VAL B 28 -5.47 -19.40 -18.70
CA VAL B 28 -5.74 -18.39 -17.68
C VAL B 28 -6.18 -17.09 -18.34
N GLN B 29 -5.47 -16.66 -19.39
CA GLN B 29 -5.86 -15.46 -20.10
C GLN B 29 -7.22 -15.62 -20.78
N ALA B 30 -7.54 -16.84 -21.23
CA ALA B 30 -8.87 -17.08 -21.77
C ALA B 30 -9.93 -16.96 -20.68
N LEU B 31 -9.64 -17.47 -19.48
CA LEU B 31 -10.59 -17.36 -18.38
C LEU B 31 -10.76 -15.91 -17.92
N MET B 32 -9.69 -15.11 -18.01
CA MET B 32 -9.81 -13.68 -17.70
C MET B 32 -10.76 -12.98 -18.67
N LYS B 33 -10.68 -13.32 -19.96
CA LYS B 33 -11.56 -12.71 -20.94
C LYS B 33 -13.01 -13.12 -20.70
N ILE B 34 -13.23 -14.36 -20.29
CA ILE B 34 -14.58 -14.81 -19.94
C ILE B 34 -15.10 -14.05 -18.73
N ALA B 35 -14.26 -13.85 -17.72
CA ALA B 35 -14.66 -13.07 -16.55
C ALA B 35 -14.99 -11.63 -16.93
N ASP B 36 -14.24 -11.06 -17.87
CA ASP B 36 -14.57 -9.72 -18.36
C ASP B 36 -15.96 -9.69 -18.96
N GLU B 37 -16.35 -10.75 -19.68
CA GLU B 37 -17.66 -10.77 -20.32
C GLU B 37 -18.78 -11.09 -19.33
N LEU B 38 -18.55 -12.05 -18.43
CA LEU B 38 -19.64 -12.58 -17.60
C LEU B 38 -19.69 -11.98 -16.21
N GLY B 39 -18.60 -11.40 -15.71
CA GLY B 39 -18.65 -10.74 -14.43
C GLY B 39 -17.99 -11.51 -13.29
N GLU B 40 -18.46 -11.22 -12.07
CA GLU B 40 -17.75 -11.65 -10.87
C GLU B 40 -17.81 -13.15 -10.64
N ILE B 41 -18.70 -13.86 -11.32
CA ILE B 41 -18.81 -15.31 -11.11
C ILE B 41 -19.41 -15.96 -12.36
N PHE B 42 -18.82 -17.07 -12.80
CA PHE B 42 -19.42 -17.87 -13.86
C PHE B 42 -19.16 -19.35 -13.57
N LYS B 43 -20.11 -20.17 -13.99
CA LYS B 43 -20.03 -21.61 -13.83
C LYS B 43 -19.25 -22.20 -14.99
N PHE B 44 -18.45 -23.22 -14.71
CA PHE B 44 -17.66 -23.93 -15.70
C PHE B 44 -17.95 -25.41 -15.57
N GLU B 45 -18.54 -26.01 -16.60
CA GLU B 45 -18.96 -27.40 -16.56
C GLU B 45 -18.11 -28.24 -17.50
N ALA B 46 -17.84 -29.48 -17.09
CA ALA B 46 -17.13 -30.45 -17.91
C ALA B 46 -17.75 -31.81 -17.63
N PRO B 47 -17.43 -32.86 -18.42
CA PRO B 47 -17.90 -34.20 -18.08
C PRO B 47 -17.49 -34.61 -16.67
N GLY B 48 -18.46 -34.75 -15.78
CA GLY B 48 -18.20 -35.16 -14.42
C GLY B 48 -17.51 -34.11 -13.57
N ARG B 49 -17.60 -32.83 -13.95
CA ARG B 49 -16.93 -31.77 -13.21
C ARG B 49 -17.74 -30.49 -13.33
N VAL B 50 -17.91 -29.81 -12.20
CA VAL B 50 -18.52 -28.48 -12.15
C VAL B 50 -17.71 -27.62 -11.20
N THR B 51 -17.34 -26.42 -11.65
CA THR B 51 -16.68 -25.45 -10.78
C THR B 51 -17.17 -24.05 -11.12
N ARG B 52 -16.80 -23.10 -10.26
CA ARG B 52 -17.26 -21.71 -10.34
C ARG B 52 -16.06 -20.79 -10.19
N TYR B 53 -15.86 -19.90 -11.14
CA TYR B 53 -14.73 -18.98 -11.16
C TYR B 53 -15.13 -17.64 -10.55
N LEU B 54 -14.40 -17.20 -9.53
CA LEU B 54 -14.67 -15.96 -8.84
C LEU B 54 -13.66 -14.89 -9.25
N SER B 55 -14.14 -13.65 -9.41
CA SER B 55 -13.30 -12.55 -9.87
C SER B 55 -13.42 -11.28 -9.05
N SER B 56 -14.41 -11.15 -8.17
CA SER B 56 -14.60 -9.92 -7.41
C SER B 56 -14.14 -10.10 -5.98
N GLN B 57 -13.63 -9.01 -5.40
CA GLN B 57 -13.26 -9.02 -3.98
C GLN B 57 -14.46 -9.32 -3.10
N ARG B 58 -15.66 -8.89 -3.52
CA ARG B 58 -16.87 -9.11 -2.73
C ARG B 58 -17.08 -10.59 -2.45
N LEU B 59 -16.97 -11.43 -3.47
CA LEU B 59 -17.21 -12.86 -3.30
C LEU B 59 -15.96 -13.61 -2.83
N ILE B 60 -14.78 -13.16 -3.24
CA ILE B 60 -13.56 -13.87 -2.87
C ILE B 60 -13.27 -13.72 -1.37
N LYS B 61 -13.62 -12.57 -0.79
CA LYS B 61 -13.42 -12.41 0.65
C LYS B 61 -14.29 -13.39 1.43
N GLU B 62 -15.45 -13.76 0.89
CA GLU B 62 -16.26 -14.80 1.52
C GLU B 62 -15.64 -16.18 1.30
N ALA B 63 -15.15 -16.44 0.09
CA ALA B 63 -14.51 -17.72 -0.18
C ALA B 63 -13.29 -17.92 0.70
N CYS B 64 -12.65 -16.83 1.11
CA CYS B 64 -11.47 -16.88 1.97
C CYS B 64 -11.82 -17.02 3.45
N ASP B 65 -13.11 -17.17 3.79
CA ASP B 65 -13.52 -17.44 5.15
C ASP B 65 -13.21 -18.90 5.45
N GLU B 66 -12.16 -19.14 6.25
CA GLU B 66 -11.72 -20.50 6.51
C GLU B 66 -12.73 -21.31 7.32
N SER B 67 -13.67 -20.64 8.01
CA SER B 67 -14.71 -21.38 8.70
C SER B 67 -15.73 -21.95 7.72
N ARG B 68 -15.77 -21.43 6.49
CA ARG B 68 -16.74 -21.88 5.49
C ARG B 68 -16.11 -22.61 4.31
N PHE B 69 -14.85 -22.34 4.00
CA PHE B 69 -14.20 -22.95 2.84
C PHE B 69 -12.78 -23.39 3.19
N ASP B 70 -12.37 -24.51 2.61
CA ASP B 70 -11.04 -25.08 2.77
C ASP B 70 -10.39 -25.21 1.40
N LYS B 71 -9.08 -25.37 1.39
CA LYS B 71 -8.37 -25.54 0.12
C LYS B 71 -8.79 -26.84 -0.56
N ASN B 72 -9.10 -26.76 -1.85
CA ASN B 72 -9.38 -27.93 -2.66
C ASN B 72 -8.21 -28.20 -3.59
N LEU B 73 -7.94 -29.48 -3.82
CA LEU B 73 -6.96 -29.87 -4.83
C LEU B 73 -7.62 -29.78 -6.20
N SER B 74 -7.21 -28.79 -6.99
CA SER B 74 -7.68 -28.70 -8.36
C SER B 74 -7.18 -29.90 -9.16
N GLN B 75 -7.75 -30.09 -10.35
CA GLN B 75 -7.30 -31.17 -11.22
C GLN B 75 -5.81 -31.02 -11.54
N ALA B 76 -5.34 -29.78 -11.69
CA ALA B 76 -3.92 -29.56 -11.92
C ALA B 76 -3.09 -30.01 -10.73
N LEU B 77 -3.52 -29.65 -9.51
CA LEU B 77 -2.79 -30.08 -8.32
C LEU B 77 -2.86 -31.59 -8.14
N LYS B 78 -4.01 -32.20 -8.49
CA LYS B 78 -4.11 -33.65 -8.39
C LYS B 78 -3.12 -34.34 -9.32
N PHE B 79 -2.90 -33.79 -10.52
CA PHE B 79 -1.93 -34.37 -11.43
C PHE B 79 -0.51 -34.12 -10.96
N VAL B 80 -0.25 -32.95 -10.39
CA VAL B 80 1.08 -32.64 -9.85
C VAL B 80 1.39 -33.54 -8.66
N ARG B 81 0.36 -33.91 -7.87
CA ARG B 81 0.55 -34.78 -6.73
C ARG B 81 1.18 -36.12 -7.09
N ASP B 82 1.07 -36.54 -8.36
CA ASP B 82 1.69 -37.80 -8.77
C ASP B 82 3.21 -37.77 -8.63
N PHE B 83 3.83 -36.60 -8.54
CA PHE B 83 5.24 -36.50 -8.18
C PHE B 83 5.53 -35.57 -7.01
N ALA B 84 4.62 -34.67 -6.66
CA ALA B 84 4.79 -33.86 -5.45
C ALA B 84 4.29 -34.57 -4.20
N GLY B 85 3.60 -35.70 -4.37
CA GLY B 85 3.15 -36.52 -3.24
C GLY B 85 2.27 -35.76 -2.28
N ASP B 86 2.40 -36.10 -0.99
CA ASP B 86 1.72 -35.32 0.06
C ASP B 86 2.61 -34.24 0.63
N GLY B 87 3.41 -33.60 -0.23
CA GLY B 87 4.06 -32.36 0.12
C GLY B 87 3.03 -31.28 0.44
N LEU B 88 3.54 -30.13 0.90
CA LEU B 88 2.66 -29.11 1.46
C LEU B 88 1.64 -28.61 0.44
N ALA B 89 2.04 -28.45 -0.82
CA ALA B 89 1.18 -27.80 -1.80
C ALA B 89 0.11 -28.73 -2.36
N THR B 90 0.32 -30.05 -2.33
CA THR B 90 -0.61 -30.99 -2.94
C THR B 90 -1.24 -31.94 -1.93
N SER B 91 -1.29 -31.54 -0.67
CA SER B 91 -1.93 -32.34 0.38
CA SER B 91 -1.93 -32.34 0.38
C SER B 91 -3.18 -31.63 0.88
N TRP B 92 -4.16 -32.43 1.28
CA TRP B 92 -5.37 -31.88 1.87
C TRP B 92 -5.09 -31.41 3.29
N THR B 93 -5.86 -30.40 3.72
CA THR B 93 -5.63 -29.82 5.04
C THR B 93 -5.84 -30.87 6.14
N HIS B 94 -6.75 -31.82 5.92
CA HIS B 94 -7.07 -32.84 6.91
C HIS B 94 -6.11 -34.03 6.87
N GLU B 95 -5.16 -34.06 5.94
CA GLU B 95 -4.16 -35.12 5.93
C GLU B 95 -3.14 -34.87 7.03
N LYS B 96 -2.79 -35.93 7.75
CA LYS B 96 -1.87 -35.81 8.89
C LYS B 96 -0.56 -35.16 8.47
N ASN B 97 -0.08 -35.45 7.27
CA ASN B 97 1.21 -34.92 6.83
C ASN B 97 1.18 -33.44 6.48
N TRP B 98 0.01 -32.84 6.25
CA TRP B 98 0.02 -31.39 6.00
C TRP B 98 0.34 -30.62 7.26
N LYS B 99 -0.47 -30.80 8.32
CA LYS B 99 -0.27 -30.05 9.55
C LYS B 99 1.09 -30.37 10.16
N LYS B 100 1.52 -31.63 10.03
CA LYS B 100 2.82 -32.04 10.54
C LYS B 100 3.94 -31.28 9.85
N ALA B 101 3.99 -31.34 8.51
CA ALA B 101 5.02 -30.61 7.78
C ALA B 101 4.86 -29.10 7.93
N HIS B 102 3.62 -28.61 8.03
CA HIS B 102 3.39 -27.19 8.22
C HIS B 102 4.01 -26.71 9.53
N ASN B 103 3.72 -27.40 10.63
CA ASN B 103 4.29 -27.02 11.93
C ASN B 103 5.81 -27.05 11.91
N ILE B 104 6.38 -28.07 11.26
CA ILE B 104 7.84 -28.23 11.28
C ILE B 104 8.51 -27.16 10.41
N LEU B 105 7.90 -26.84 9.27
CA LEU B 105 8.56 -25.99 8.28
C LEU B 105 8.27 -24.50 8.42
N LEU B 106 7.17 -24.12 9.10
CA LEU B 106 6.86 -22.71 9.25
C LEU B 106 8.00 -21.88 9.84
N PRO B 107 8.68 -22.31 10.91
CA PRO B 107 9.80 -21.49 11.42
C PRO B 107 10.96 -21.38 10.44
N SER B 108 11.18 -22.38 9.59
CA SER B 108 12.27 -22.33 8.63
C SER B 108 11.98 -21.44 7.43
N PHE B 109 10.77 -20.90 7.32
CA PHE B 109 10.40 -19.99 6.24
C PHE B 109 10.06 -18.60 6.72
N SER B 110 10.33 -18.28 7.99
CA SER B 110 9.96 -16.98 8.54
C SER B 110 10.87 -15.90 7.99
N GLN B 111 10.47 -14.64 8.23
CA GLN B 111 11.33 -13.53 7.87
C GLN B 111 12.67 -13.61 8.60
N GLN B 112 12.65 -14.02 9.87
CA GLN B 112 13.89 -14.18 10.62
C GLN B 112 14.76 -15.29 10.05
N ALA B 113 14.14 -16.32 9.47
CA ALA B 113 14.90 -17.42 8.88
C ALA B 113 15.60 -17.00 7.59
N MET B 114 15.15 -15.93 6.94
CA MET B 114 15.81 -15.46 5.73
C MET B 114 17.23 -14.99 6.00
N LYS B 115 17.54 -14.60 7.25
CA LYS B 115 18.92 -14.24 7.58
C LYS B 115 19.87 -15.40 7.31
N GLY B 116 19.43 -16.64 7.55
CA GLY B 116 20.30 -17.78 7.34
C GLY B 116 20.44 -18.20 5.90
N TYR B 117 19.45 -17.91 5.06
CA TYR B 117 19.51 -18.20 3.63
C TYR B 117 20.21 -17.11 2.84
N HIS B 118 20.44 -15.94 3.44
CA HIS B 118 20.85 -14.76 2.66
C HIS B 118 22.16 -15.01 1.92
N ALA B 119 23.14 -15.61 2.60
CA ALA B 119 24.45 -15.81 1.97
C ALA B 119 24.34 -16.70 0.74
N MET B 120 23.51 -17.75 0.81
CA MET B 120 23.35 -18.64 -0.34
C MET B 120 22.62 -17.93 -1.48
N MET B 121 21.64 -17.09 -1.15
CA MET B 121 20.97 -16.31 -2.18
C MET B 121 21.95 -15.37 -2.87
N VAL B 122 22.83 -14.73 -2.09
CA VAL B 122 23.81 -13.82 -2.67
C VAL B 122 24.76 -14.57 -3.60
N ASP B 123 25.12 -15.80 -3.24
CA ASP B 123 25.99 -16.62 -4.09
C ASP B 123 25.46 -16.70 -5.51
N ILE B 124 24.17 -17.04 -5.66
CA ILE B 124 23.61 -17.19 -7.00
C ILE B 124 23.40 -15.83 -7.66
N ALA B 125 22.97 -14.83 -6.86
CA ALA B 125 22.75 -13.49 -7.42
C ALA B 125 24.03 -12.92 -8.01
N VAL B 126 25.17 -13.17 -7.35
CA VAL B 126 26.44 -12.69 -7.88
C VAL B 126 26.78 -13.40 -9.18
N GLN B 127 26.43 -14.69 -9.30
CA GLN B 127 26.64 -15.39 -10.56
C GLN B 127 25.81 -14.78 -11.68
N LEU B 128 24.57 -14.37 -11.38
CA LEU B 128 23.76 -13.71 -12.40
C LEU B 128 24.40 -12.38 -12.82
N VAL B 129 24.81 -11.57 -11.85
CA VAL B 129 25.41 -10.27 -12.18
C VAL B 129 26.70 -10.47 -12.98
N GLN B 130 27.51 -11.46 -12.59
CA GLN B 130 28.75 -11.71 -13.31
C GLN B 130 28.49 -12.17 -14.74
N LYS B 131 27.45 -12.98 -14.96
CA LYS B 131 27.12 -13.38 -16.32
C LYS B 131 26.83 -12.16 -17.18
N TRP B 132 26.02 -11.24 -16.67
CA TRP B 132 25.65 -10.06 -17.45
C TRP B 132 26.83 -9.09 -17.60
N GLU B 133 27.71 -9.00 -16.60
CA GLU B 133 28.90 -8.17 -16.74
C GLU B 133 29.81 -8.69 -17.84
N ARG B 134 29.77 -9.99 -18.11
CA ARG B 134 30.68 -10.62 -19.07
C ARG B 134 30.09 -10.74 -20.46
N LEU B 135 28.89 -10.22 -20.69
CA LEU B 135 28.32 -10.21 -22.03
C LEU B 135 29.08 -9.24 -22.91
N ASN B 136 29.19 -9.59 -24.19
CA ASN B 136 29.87 -8.73 -25.14
C ASN B 136 28.95 -7.63 -25.64
N ALA B 137 29.54 -6.68 -26.36
CA ALA B 137 28.78 -5.57 -26.89
C ALA B 137 27.63 -6.07 -27.77
N ASP B 138 26.48 -5.42 -27.62
CA ASP B 138 25.30 -5.68 -28.45
C ASP B 138 24.75 -7.09 -28.28
N GLU B 139 25.33 -7.89 -27.39
CA GLU B 139 24.64 -9.10 -26.94
C GLU B 139 23.49 -8.72 -26.02
N HIS B 140 22.52 -9.62 -25.91
CA HIS B 140 21.33 -9.33 -25.14
C HIS B 140 21.08 -10.43 -24.10
N ILE B 141 20.09 -10.19 -23.26
CA ILE B 141 19.75 -11.06 -22.15
C ILE B 141 18.40 -11.71 -22.44
N GLU B 142 18.33 -13.02 -22.26
CA GLU B 142 17.05 -13.73 -22.28
C GLU B 142 16.55 -13.76 -20.84
N VAL B 143 15.59 -12.90 -20.54
CA VAL B 143 15.26 -12.57 -19.15
C VAL B 143 14.66 -13.77 -18.41
N PRO B 144 13.51 -14.32 -18.85
CA PRO B 144 12.94 -15.45 -18.08
C PRO B 144 13.88 -16.64 -17.98
N GLU B 145 14.69 -16.88 -19.01
CA GLU B 145 15.64 -17.98 -18.97
C GLU B 145 16.67 -17.79 -17.86
N ASP B 146 17.23 -16.59 -17.76
CA ASP B 146 18.24 -16.32 -16.74
C ASP B 146 17.61 -16.23 -15.35
N MET B 147 16.41 -15.65 -15.25
CA MET B 147 15.72 -15.60 -13.97
C MET B 147 15.42 -17.02 -13.47
N THR B 148 15.05 -17.92 -14.40
CA THR B 148 14.79 -19.30 -14.01
C THR B 148 16.07 -20.02 -13.59
N ARG B 149 17.18 -19.74 -14.27
CA ARG B 149 18.48 -20.24 -13.82
C ARG B 149 18.76 -19.82 -12.39
N LEU B 150 18.49 -18.55 -12.06
CA LEU B 150 18.76 -18.03 -10.73
C LEU B 150 17.87 -18.67 -9.66
N THR B 151 16.55 -18.60 -9.85
CA THR B 151 15.64 -19.09 -8.81
C THR B 151 15.81 -20.59 -8.58
N LEU B 152 16.05 -21.33 -9.65
CA LEU B 152 16.22 -22.77 -9.52
C LEU B 152 17.50 -23.11 -8.77
N ASP B 153 18.61 -22.43 -9.09
CA ASP B 153 19.84 -22.69 -8.36
C ASP B 153 19.74 -22.21 -6.91
N THR B 154 18.98 -21.14 -6.67
CA THR B 154 18.86 -20.61 -5.31
C THR B 154 18.07 -21.55 -4.42
N ILE B 155 16.96 -22.11 -4.94
CA ILE B 155 16.18 -23.05 -4.13
C ILE B 155 16.94 -24.37 -3.98
N GLY B 156 17.71 -24.76 -4.99
CA GLY B 156 18.54 -25.96 -4.85
C GLY B 156 19.56 -25.80 -3.74
N LEU B 157 20.18 -24.62 -3.66
CA LEU B 157 21.21 -24.39 -2.65
C LEU B 157 20.60 -24.22 -1.27
N CYS B 158 19.55 -23.40 -1.16
CA CYS B 158 18.91 -23.19 0.13
C CYS B 158 18.04 -24.37 0.54
N GLY B 159 17.55 -25.15 -0.42
CA GLY B 159 16.70 -26.28 -0.12
C GLY B 159 17.46 -27.48 0.41
N PHE B 160 18.54 -27.87 -0.29
CA PHE B 160 19.29 -29.05 0.15
C PHE B 160 20.76 -28.97 -0.26
N ASN B 161 21.33 -27.76 -0.33
CA ASN B 161 22.76 -27.55 -0.51
C ASN B 161 23.29 -28.29 -1.75
N TYR B 162 22.51 -28.26 -2.82
CA TYR B 162 22.87 -28.88 -4.09
C TYR B 162 22.98 -27.81 -5.15
N ARG B 163 24.05 -27.87 -5.94
CA ARG B 163 24.30 -26.88 -6.98
C ARG B 163 23.92 -27.47 -8.33
N PHE B 164 22.80 -26.98 -8.88
CA PHE B 164 22.44 -27.34 -10.25
C PHE B 164 23.38 -26.71 -11.26
N ASN B 165 24.08 -25.64 -10.87
CA ASN B 165 25.08 -24.99 -11.72
C ASN B 165 24.48 -24.60 -13.08
N SER B 166 23.31 -23.96 -13.02
CA SER B 166 22.60 -23.60 -14.24
C SER B 166 23.36 -22.58 -15.07
N PHE B 167 24.20 -21.76 -14.44
CA PHE B 167 24.95 -20.77 -15.18
C PHE B 167 26.17 -21.36 -15.87
N TYR B 168 26.39 -22.66 -15.75
CA TYR B 168 27.44 -23.35 -16.48
C TYR B 168 26.89 -24.20 -17.63
N ARG B 169 25.60 -24.08 -17.93
CA ARG B 169 24.92 -25.00 -18.82
C ARG B 169 24.08 -24.26 -19.84
N ASP B 170 23.97 -24.87 -21.03
CA ASP B 170 22.91 -24.53 -21.97
C ASP B 170 21.70 -25.43 -21.78
N GLN B 171 21.93 -26.76 -21.79
CA GLN B 171 20.92 -27.76 -21.46
C GLN B 171 20.89 -27.97 -19.95
N PRO B 172 19.72 -27.84 -19.31
CA PRO B 172 19.67 -27.86 -17.85
C PRO B 172 20.08 -29.20 -17.27
N HIS B 173 20.29 -29.19 -15.96
CA HIS B 173 20.56 -30.42 -15.23
C HIS B 173 19.45 -31.44 -15.50
N PRO B 174 19.79 -32.71 -15.66
CA PRO B 174 18.76 -33.73 -15.97
C PRO B 174 17.56 -33.71 -15.05
N PHE B 175 17.76 -33.39 -13.76
CA PHE B 175 16.62 -33.31 -12.85
C PHE B 175 15.64 -32.24 -13.31
N ILE B 176 16.15 -31.09 -13.76
CA ILE B 176 15.27 -30.00 -14.17
C ILE B 176 14.54 -30.36 -15.45
N THR B 177 15.21 -31.02 -16.38
CA THR B 177 14.56 -31.46 -17.61
C THR B 177 13.38 -32.38 -17.31
N SER B 178 13.56 -33.31 -16.38
CA SER B 178 12.48 -34.21 -16.03
C SER B 178 11.37 -33.49 -15.28
N MET B 179 11.74 -32.58 -14.37
CA MET B 179 10.71 -31.82 -13.64
C MET B 179 9.88 -30.98 -14.59
N VAL B 180 10.54 -30.24 -15.48
CA VAL B 180 9.82 -29.41 -16.45
C VAL B 180 8.94 -30.29 -17.34
N ARG B 181 9.48 -31.42 -17.80
CA ARG B 181 8.69 -32.32 -18.63
C ARG B 181 7.57 -32.97 -17.83
N ALA B 182 7.78 -33.21 -16.55
CA ALA B 182 6.70 -33.76 -15.72
C ALA B 182 5.58 -32.74 -15.54
N LEU B 183 5.94 -31.47 -15.29
CA LEU B 183 4.93 -30.42 -15.16
C LEU B 183 4.16 -30.23 -16.45
N ASP B 184 4.86 -30.28 -17.59
CA ASP B 184 4.19 -30.14 -18.89
C ASP B 184 3.16 -31.25 -19.10
N GLU B 185 3.52 -32.48 -18.78
CA GLU B 185 2.59 -33.60 -18.95
C GLU B 185 1.38 -33.46 -18.03
N ALA B 186 1.60 -33.02 -16.79
CA ALA B 186 0.49 -32.79 -15.87
C ALA B 186 -0.45 -31.73 -16.40
N MET B 187 0.08 -30.63 -16.94
CA MET B 187 -0.78 -29.57 -17.45
C MET B 187 -1.45 -29.96 -18.76
N ASN B 188 -0.75 -30.71 -19.62
CA ASN B 188 -1.36 -31.17 -20.85
C ASN B 188 -2.53 -32.11 -20.59
N LYS B 189 -2.49 -32.83 -19.46
CA LYS B 189 -3.58 -33.73 -19.13
C LYS B 189 -4.88 -33.00 -18.89
N LEU B 190 -4.82 -31.73 -18.49
CA LEU B 190 -6.04 -30.97 -18.21
C LEU B 190 -6.88 -30.77 -19.46
N GLN B 191 -6.26 -30.31 -20.54
CA GLN B 191 -6.96 -30.04 -21.79
C GLN B 191 -7.09 -31.27 -22.68
N ARG B 192 -6.75 -32.45 -22.17
CA ARG B 192 -6.77 -33.69 -22.93
C ARG B 192 -8.14 -34.35 -22.88
N ASP B 196 -8.36 -41.20 -22.02
CA ASP B 196 -7.03 -41.19 -22.62
C ASP B 196 -6.86 -42.35 -23.59
N ASP B 197 -6.71 -42.01 -24.89
CA ASP B 197 -6.60 -43.01 -25.92
C ASP B 197 -5.25 -43.72 -25.84
N PRO B 198 -5.07 -44.80 -26.59
CA PRO B 198 -3.80 -45.55 -26.51
C PRO B 198 -2.60 -44.79 -27.05
N ALA B 199 -2.81 -43.70 -27.79
CA ALA B 199 -1.68 -42.96 -28.34
C ALA B 199 -0.84 -42.30 -27.24
N TYR B 200 -1.44 -42.02 -26.09
CA TYR B 200 -0.75 -41.37 -24.98
C TYR B 200 0.10 -42.34 -24.16
N ASP B 201 0.30 -43.58 -24.65
CA ASP B 201 1.12 -44.53 -23.94
C ASP B 201 2.58 -44.08 -23.88
N GLU B 202 3.05 -43.35 -24.90
CA GLU B 202 4.41 -42.82 -24.86
C GLU B 202 4.54 -41.72 -23.81
N ASN B 203 3.52 -40.88 -23.67
CA ASN B 203 3.53 -39.86 -22.62
C ASN B 203 3.60 -40.51 -21.24
N LYS B 204 2.88 -41.61 -21.05
CA LYS B 204 2.84 -42.25 -19.74
C LYS B 204 4.20 -42.84 -19.36
N ARG B 205 4.84 -43.55 -20.29
CA ARG B 205 6.15 -44.13 -20.00
C ARG B 205 7.19 -43.05 -19.73
N GLN B 206 7.13 -41.94 -20.46
CA GLN B 206 8.05 -40.84 -20.20
C GLN B 206 7.76 -40.18 -18.86
N PHE B 207 6.48 -40.05 -18.51
CA PHE B 207 6.09 -39.47 -17.23
C PHE B 207 6.68 -40.27 -16.08
N GLN B 208 6.57 -41.60 -16.13
CA GLN B 208 7.13 -42.41 -15.06
C GLN B 208 8.65 -42.36 -15.06
N GLU B 209 9.26 -42.20 -16.23
CA GLU B 209 10.71 -42.06 -16.29
C GLU B 209 11.17 -40.76 -15.61
N ASP B 210 10.43 -39.67 -15.84
CA ASP B 210 10.81 -38.39 -15.23
C ASP B 210 10.59 -38.41 -13.72
N ILE B 211 9.54 -39.08 -13.26
CA ILE B 211 9.31 -39.22 -11.82
C ILE B 211 10.47 -39.96 -11.17
N LYS B 212 10.96 -41.02 -11.81
CA LYS B 212 12.08 -41.78 -11.26
C LYS B 212 13.35 -40.94 -11.21
N VAL B 213 13.56 -40.09 -12.21
CA VAL B 213 14.72 -39.20 -12.21
C VAL B 213 14.69 -38.29 -11.00
N MET B 214 13.53 -37.68 -10.72
CA MET B 214 13.42 -36.76 -9.61
C MET B 214 13.59 -37.48 -8.26
N ASN B 215 12.88 -38.60 -8.08
CA ASN B 215 12.99 -39.34 -6.83
C ASN B 215 14.42 -39.81 -6.58
N ASP B 216 15.09 -40.33 -7.61
CA ASP B 216 16.41 -40.90 -7.43
C ASP B 216 17.41 -39.87 -6.92
N LEU B 217 17.44 -38.69 -7.56
CA LEU B 217 18.39 -37.65 -7.13
C LEU B 217 18.08 -37.17 -5.72
N VAL B 218 16.82 -36.85 -5.44
CA VAL B 218 16.46 -36.32 -4.12
C VAL B 218 16.68 -37.38 -3.05
N ASP B 219 16.24 -38.61 -3.29
CA ASP B 219 16.45 -39.68 -2.31
C ASP B 219 17.94 -39.91 -2.05
N LYS B 220 18.76 -39.81 -3.10
CA LYS B 220 20.20 -39.99 -2.92
C LYS B 220 20.78 -38.88 -2.05
N ILE B 221 20.35 -37.64 -2.27
CA ILE B 221 20.88 -36.53 -1.48
C ILE B 221 20.47 -36.68 -0.01
N ILE B 222 19.21 -37.06 0.24
CA ILE B 222 18.79 -37.31 1.62
C ILE B 222 19.64 -38.41 2.24
N ALA B 223 19.78 -39.53 1.52
CA ALA B 223 20.59 -40.63 2.04
C ALA B 223 22.05 -40.22 2.23
N ASP B 224 22.60 -39.47 1.27
CA ASP B 224 23.97 -38.98 1.43
C ASP B 224 24.12 -38.13 2.68
N ARG B 225 23.15 -37.23 2.93
CA ARG B 225 23.24 -36.34 4.06
C ARG B 225 23.12 -37.09 5.39
N LYS B 226 22.22 -38.09 5.45
CA LYS B 226 22.07 -38.87 6.66
C LYS B 226 23.31 -39.70 6.95
N ALA B 227 23.99 -40.20 5.92
CA ALA B 227 25.16 -41.05 6.16
C ALA B 227 26.36 -40.23 6.63
N SER B 228 26.40 -38.94 6.32
CA SER B 228 27.52 -38.10 6.71
C SER B 228 27.28 -37.41 8.04
N GLY B 229 26.03 -37.02 8.31
CA GLY B 229 25.75 -36.26 9.50
C GLY B 229 26.09 -34.79 9.39
N GLU B 230 26.41 -34.30 8.20
CA GLU B 230 26.79 -32.90 8.04
C GLU B 230 25.58 -31.99 8.26
N GLN B 231 25.85 -30.79 8.77
CA GLN B 231 24.85 -29.80 9.09
C GLN B 231 25.07 -28.55 8.25
N SER B 232 24.11 -28.23 7.38
CA SER B 232 24.18 -27.03 6.55
C SER B 232 23.09 -26.05 6.99
N ASP B 233 23.07 -24.89 6.35
CA ASP B 233 22.04 -23.88 6.58
C ASP B 233 20.86 -24.05 5.65
N ASP B 234 20.51 -25.28 5.30
CA ASP B 234 19.48 -25.56 4.31
C ASP B 234 18.25 -26.17 4.95
N LEU B 235 17.17 -26.21 4.16
CA LEU B 235 15.91 -26.78 4.63
C LEU B 235 16.03 -28.26 4.93
N LEU B 236 16.90 -28.98 4.22
CA LEU B 236 17.05 -30.42 4.43
C LEU B 236 17.55 -30.73 5.83
N THR B 237 18.55 -29.98 6.30
CA THR B 237 19.02 -30.15 7.68
C THR B 237 17.89 -29.89 8.66
N HIS B 238 17.10 -28.84 8.40
CA HIS B 238 15.96 -28.52 9.26
C HIS B 238 14.94 -29.65 9.30
N MET B 239 14.68 -30.29 8.16
CA MET B 239 13.71 -31.38 8.13
C MET B 239 14.26 -32.66 8.73
N LEU B 240 15.58 -32.87 8.65
CA LEU B 240 16.16 -34.07 9.24
C LEU B 240 16.21 -34.00 10.77
N ASN B 241 16.18 -32.81 11.34
CA ASN B 241 16.25 -32.64 12.79
C ASN B 241 14.94 -32.15 13.41
N GLY B 242 14.00 -31.65 12.62
CA GLY B 242 12.80 -31.07 13.18
C GLY B 242 11.79 -32.11 13.64
N LYS B 243 11.05 -31.75 14.70
CA LYS B 243 9.96 -32.57 15.20
C LYS B 243 8.71 -31.73 15.33
N ASP B 244 7.59 -32.24 14.84
CA ASP B 244 6.31 -31.58 15.00
C ASP B 244 5.94 -31.51 16.47
N PRO B 245 5.73 -30.31 17.03
CA PRO B 245 5.33 -30.24 18.45
C PRO B 245 4.04 -30.96 18.75
N GLU B 246 3.09 -30.98 17.81
CA GLU B 246 1.80 -31.61 18.04
C GLU B 246 1.92 -33.12 18.15
N THR B 247 2.35 -33.78 17.07
CA THR B 247 2.48 -35.23 17.09
C THR B 247 3.76 -35.70 17.76
N GLY B 248 4.75 -34.83 17.91
CA GLY B 248 6.05 -35.24 18.38
C GLY B 248 6.89 -35.96 17.35
N GLU B 249 6.42 -36.07 16.12
CA GLU B 249 7.06 -36.87 15.09
C GLU B 249 7.87 -35.99 14.13
N PRO B 250 8.96 -36.55 13.59
CA PRO B 250 9.64 -35.89 12.48
C PRO B 250 9.06 -36.34 11.15
N LEU B 251 9.38 -35.58 10.11
CA LEU B 251 9.05 -36.02 8.75
C LEU B 251 9.89 -37.24 8.39
N ASP B 252 9.26 -38.21 7.75
CA ASP B 252 10.01 -39.36 7.28
C ASP B 252 10.70 -39.03 5.95
N ASP B 253 11.60 -39.93 5.53
CA ASP B 253 12.43 -39.64 4.37
C ASP B 253 11.62 -39.46 3.10
N GLU B 254 10.51 -40.19 2.96
CA GLU B 254 9.69 -40.05 1.77
C GLU B 254 9.03 -38.67 1.70
N ASN B 255 8.47 -38.21 2.81
CA ASN B 255 7.82 -36.90 2.78
C ASN B 255 8.82 -35.77 2.60
N ILE B 256 10.02 -35.92 3.20
CA ILE B 256 11.07 -34.92 2.99
C ILE B 256 11.39 -34.79 1.51
N ARG B 257 11.49 -35.93 0.81
CA ARG B 257 11.70 -35.89 -0.63
C ARG B 257 10.59 -35.10 -1.33
N TYR B 258 9.33 -35.36 -0.94
CA TYR B 258 8.21 -34.67 -1.57
C TYR B 258 8.24 -33.18 -1.27
N GLN B 259 8.68 -32.80 -0.07
CA GLN B 259 8.81 -31.38 0.25
C GLN B 259 9.87 -30.73 -0.62
N ILE B 260 11.01 -31.40 -0.81
CA ILE B 260 12.09 -30.82 -1.60
C ILE B 260 11.65 -30.66 -3.05
N ILE B 261 11.01 -31.69 -3.61
CA ILE B 261 10.43 -31.57 -4.94
C ILE B 261 9.44 -30.42 -4.99
N THR B 262 8.64 -30.26 -3.93
CA THR B 262 7.62 -29.21 -3.90
C THR B 262 8.25 -27.82 -3.92
N PHE B 263 9.30 -27.61 -3.12
CA PHE B 263 9.96 -26.31 -3.11
C PHE B 263 10.44 -25.94 -4.51
N LEU B 264 11.00 -26.91 -5.24
CA LEU B 264 11.48 -26.65 -6.59
C LEU B 264 10.33 -26.33 -7.54
N ILE B 265 9.24 -27.10 -7.47
CA ILE B 265 8.09 -26.84 -8.33
C ILE B 265 7.42 -25.53 -7.94
N ALA B 266 6.98 -25.43 -6.68
CA ALA B 266 6.18 -24.30 -6.25
C ALA B 266 6.96 -22.99 -6.24
N GLY B 267 8.29 -23.05 -6.17
CA GLY B 267 9.07 -21.84 -5.93
C GLY B 267 9.84 -21.28 -7.12
N HIS B 268 10.33 -22.14 -8.00
CA HIS B 268 11.28 -21.67 -9.02
C HIS B 268 10.57 -20.85 -10.09
N GLU B 269 9.42 -21.33 -10.58
CA GLU B 269 8.78 -20.74 -11.76
C GLU B 269 7.93 -19.53 -11.38
N THR B 270 7.28 -19.57 -10.23
CA THR B 270 6.56 -18.40 -9.73
C THR B 270 7.51 -17.24 -9.49
N THR B 271 8.66 -17.51 -8.86
CA THR B 271 9.57 -16.43 -8.49
C THR B 271 10.30 -15.88 -9.71
N SER B 272 10.72 -16.76 -10.64
CA SER B 272 11.40 -16.25 -11.83
C SER B 272 10.45 -15.46 -12.72
N GLY B 273 9.18 -15.87 -12.77
CA GLY B 273 8.20 -15.07 -13.50
C GLY B 273 8.00 -13.69 -12.89
N LEU B 274 7.96 -13.62 -11.56
CA LEU B 274 7.84 -12.33 -10.90
C LEU B 274 8.99 -11.41 -11.26
N LEU B 275 10.22 -11.93 -11.23
CA LEU B 275 11.37 -11.12 -11.61
C LEU B 275 11.28 -10.68 -13.07
N SER B 276 10.87 -11.60 -13.96
CA SER B 276 10.75 -11.25 -15.37
C SER B 276 9.66 -10.21 -15.61
N PHE B 277 8.50 -10.39 -14.97
CA PHE B 277 7.43 -9.39 -15.11
C PHE B 277 7.86 -8.04 -14.53
N ALA B 278 8.59 -8.05 -13.43
CA ALA B 278 9.04 -6.80 -12.82
C ALA B 278 9.98 -6.04 -13.75
N LEU B 279 10.95 -6.74 -14.34
CA LEU B 279 11.87 -6.07 -15.27
C LEU B 279 11.14 -5.61 -16.52
N TYR B 280 10.18 -6.40 -17.00
CA TYR B 280 9.34 -5.96 -18.12
C TYR B 280 8.66 -4.63 -17.78
N PHE B 281 8.00 -4.55 -16.63
CA PHE B 281 7.27 -3.34 -16.29
C PHE B 281 8.23 -2.17 -16.05
N LEU B 282 9.42 -2.45 -15.49
CA LEU B 282 10.38 -1.37 -15.25
C LEU B 282 10.87 -0.76 -16.56
N VAL B 283 11.21 -1.58 -17.55
CA VAL B 283 11.71 -1.03 -18.81
C VAL B 283 10.60 -0.40 -19.63
N LYS B 284 9.34 -0.75 -19.37
CA LYS B 284 8.21 -0.08 -20.02
C LYS B 284 7.79 1.20 -19.32
N ASN B 285 8.30 1.47 -18.11
CA ASN B 285 7.92 2.63 -17.32
C ASN B 285 9.19 3.30 -16.79
N PRO B 286 9.86 4.09 -17.62
CA PRO B 286 11.18 4.62 -17.23
C PRO B 286 11.18 5.46 -15.95
N HIS B 287 10.07 6.14 -15.63
CA HIS B 287 10.03 6.90 -14.38
C HIS B 287 10.11 5.98 -13.18
N VAL B 288 9.41 4.85 -13.24
CA VAL B 288 9.49 3.85 -12.17
C VAL B 288 10.90 3.29 -12.08
N LEU B 289 11.51 2.99 -13.23
CA LEU B 289 12.86 2.43 -13.23
C LEU B 289 13.84 3.40 -12.59
N GLN B 290 13.75 4.69 -12.92
CA GLN B 290 14.63 5.68 -12.30
C GLN B 290 14.45 5.72 -10.79
N LYS B 291 13.19 5.70 -10.34
CA LYS B 291 12.91 5.74 -8.91
C LYS B 291 13.46 4.49 -8.22
N ALA B 292 13.25 3.31 -8.82
CA ALA B 292 13.75 2.08 -8.23
C ALA B 292 15.27 2.01 -8.25
N ALA B 293 15.89 2.48 -9.34
CA ALA B 293 17.35 2.42 -9.43
C ALA B 293 18.01 3.39 -8.45
N GLU B 294 17.39 4.56 -8.21
CA GLU B 294 17.92 5.49 -7.24
C GLU B 294 18.00 4.86 -5.86
N GLU B 295 16.92 4.20 -5.44
CA GLU B 295 16.91 3.52 -4.15
C GLU B 295 17.98 2.44 -4.08
N ALA B 296 18.11 1.63 -5.14
CA ALA B 296 19.12 0.58 -5.15
C ALA B 296 20.52 1.17 -4.99
N ALA B 297 20.79 2.29 -5.68
CA ALA B 297 22.11 2.90 -5.57
C ALA B 297 22.34 3.48 -4.17
N ARG B 298 21.30 4.04 -3.56
CA ARG B 298 21.44 4.65 -2.25
C ARG B 298 21.54 3.61 -1.13
N VAL B 299 20.82 2.51 -1.26
CA VAL B 299 20.74 1.54 -0.16
C VAL B 299 21.86 0.52 -0.23
N LEU B 300 22.17 0.00 -1.43
CA LEU B 300 23.14 -1.08 -1.58
C LEU B 300 24.56 -0.50 -1.72
N VAL B 301 25.07 0.01 -0.60
CA VAL B 301 26.34 0.73 -0.59
C VAL B 301 27.56 -0.17 -0.46
N ASP B 302 27.38 -1.48 -0.26
CA ASP B 302 28.48 -2.41 -0.11
C ASP B 302 28.61 -3.29 -1.35
N PRO B 303 29.79 -3.87 -1.59
CA PRO B 303 29.94 -4.76 -2.75
C PRO B 303 29.00 -5.95 -2.71
N VAL B 304 28.66 -6.43 -1.52
CA VAL B 304 27.73 -7.53 -1.33
C VAL B 304 26.58 -7.00 -0.47
N PRO B 305 25.33 -7.09 -0.92
CA PRO B 305 24.22 -6.61 -0.09
C PRO B 305 24.08 -7.44 1.17
N SER B 306 23.72 -6.78 2.26
CA SER B 306 23.43 -7.45 3.51
C SER B 306 21.93 -7.74 3.61
N TYR B 307 21.57 -8.59 4.58
CA TYR B 307 20.16 -8.85 4.84
C TYR B 307 19.42 -7.56 5.18
N LYS B 308 19.99 -6.77 6.09
CA LYS B 308 19.32 -5.54 6.52
C LYS B 308 19.16 -4.54 5.38
N GLN B 309 20.12 -4.50 4.46
CA GLN B 309 20.01 -3.60 3.33
C GLN B 309 18.85 -3.99 2.41
N VAL B 310 18.66 -5.30 2.20
CA VAL B 310 17.55 -5.75 1.36
C VAL B 310 16.21 -5.30 1.94
N LYS B 311 16.08 -5.36 3.27
CA LYS B 311 14.85 -4.90 3.91
C LYS B 311 14.59 -3.42 3.69
N GLN B 312 15.63 -2.64 3.40
CA GLN B 312 15.49 -1.21 3.19
C GLN B 312 15.09 -0.85 1.76
N LEU B 313 15.01 -1.84 0.86
CA LEU B 313 14.60 -1.61 -0.52
C LEU B 313 13.07 -1.55 -0.61
N LYS B 314 12.51 -0.49 -0.02
CA LYS B 314 11.05 -0.37 0.07
C LYS B 314 10.41 -0.24 -1.30
N TYR B 315 10.93 0.66 -2.15
CA TYR B 315 10.32 0.89 -3.45
C TYR B 315 10.50 -0.32 -4.37
N VAL B 316 11.65 -0.97 -4.29
CA VAL B 316 11.83 -2.23 -5.04
C VAL B 316 10.75 -3.22 -4.62
N GLY B 317 10.46 -3.30 -3.32
CA GLY B 317 9.37 -4.15 -2.87
C GLY B 317 8.02 -3.72 -3.40
N MET B 318 7.82 -2.40 -3.53
CA MET B 318 6.58 -1.89 -4.11
C MET B 318 6.48 -2.26 -5.58
N VAL B 319 7.60 -2.22 -6.31
CA VAL B 319 7.61 -2.65 -7.70
C VAL B 319 7.20 -4.11 -7.82
N LEU B 320 7.72 -4.96 -6.94
CA LEU B 320 7.41 -6.39 -6.99
C LEU B 320 5.95 -6.65 -6.68
N ASN B 321 5.38 -5.94 -5.70
CA ASN B 321 3.97 -6.13 -5.38
C ASN B 321 3.07 -5.70 -6.53
N GLU B 322 3.39 -4.57 -7.17
CA GLU B 322 2.59 -4.13 -8.31
C GLU B 322 2.74 -5.06 -9.50
N ALA B 323 3.93 -5.67 -9.68
CA ALA B 323 4.07 -6.70 -10.69
C ALA B 323 3.22 -7.92 -10.35
N LEU B 324 3.19 -8.31 -9.08
CA LEU B 324 2.33 -9.40 -8.64
C LEU B 324 0.85 -9.06 -8.76
N ARG B 325 0.49 -7.78 -8.64
CA ARG B 325 -0.90 -7.41 -8.82
C ARG B 325 -1.36 -7.69 -10.24
N LEU B 326 -0.61 -7.20 -11.23
CA LEU B 326 -1.04 -7.33 -12.61
C LEU B 326 -0.94 -8.77 -13.09
N TRP B 327 0.14 -9.48 -12.76
CA TRP B 327 0.36 -10.84 -13.25
C TRP B 327 0.85 -11.73 -12.12
N PRO B 328 -0.04 -12.10 -11.22
CA PRO B 328 0.31 -13.09 -10.18
C PRO B 328 0.70 -14.41 -10.84
N THR B 329 1.93 -14.85 -10.56
CA THR B 329 2.51 -15.96 -11.31
C THR B 329 1.96 -17.32 -10.91
N ALA B 330 1.27 -17.42 -9.76
CA ALA B 330 0.47 -18.60 -9.44
C ALA B 330 -0.99 -18.15 -9.51
N PRO B 331 -1.61 -18.16 -10.69
CA PRO B 331 -2.75 -17.28 -10.95
C PRO B 331 -4.08 -17.74 -10.37
N ALA B 332 -4.15 -18.91 -9.74
CA ALA B 332 -5.44 -19.35 -9.22
C ALA B 332 -5.22 -20.35 -8.10
N PHE B 333 -6.22 -20.46 -7.23
CA PHE B 333 -6.29 -21.53 -6.25
C PHE B 333 -7.74 -21.94 -6.08
N SER B 334 -7.93 -23.14 -5.53
CA SER B 334 -9.23 -23.79 -5.50
C SER B 334 -9.69 -23.97 -4.07
N LEU B 335 -11.01 -23.93 -3.87
CA LEU B 335 -11.63 -24.07 -2.57
C LEU B 335 -12.87 -24.94 -2.68
N TYR B 336 -13.28 -25.52 -1.55
CA TYR B 336 -14.53 -26.27 -1.48
C TYR B 336 -15.30 -25.84 -0.24
N ALA B 337 -16.63 -25.93 -0.34
CA ALA B 337 -17.51 -25.53 0.76
C ALA B 337 -17.50 -26.62 1.83
N LYS B 338 -17.13 -26.24 3.05
CA LYS B 338 -17.11 -27.20 4.15
C LYS B 338 -18.51 -27.70 4.49
N GLU B 339 -19.51 -26.82 4.37
CA GLU B 339 -20.91 -27.18 4.60
C GLU B 339 -21.77 -26.41 3.61
N ASP B 340 -23.08 -26.71 3.62
CA ASP B 340 -24.03 -25.92 2.85
C ASP B 340 -23.93 -24.46 3.26
N THR B 341 -23.87 -23.57 2.26
CA THR B 341 -23.73 -22.15 2.54
C THR B 341 -24.18 -21.37 1.31
N VAL B 342 -24.41 -20.07 1.52
CA VAL B 342 -24.86 -19.17 0.47
C VAL B 342 -23.78 -18.12 0.25
N LEU B 343 -23.33 -17.98 -1.01
CA LEU B 343 -22.27 -17.06 -1.37
C LEU B 343 -22.86 -15.75 -1.86
N GLY B 344 -22.44 -14.65 -1.25
CA GLY B 344 -22.89 -13.34 -1.68
C GLY B 344 -24.38 -13.11 -1.58
N GLY B 345 -25.07 -13.90 -0.77
CA GLY B 345 -26.51 -13.74 -0.58
C GLY B 345 -27.37 -14.10 -1.77
N GLU B 346 -26.83 -14.78 -2.78
CA GLU B 346 -27.64 -15.12 -3.94
C GLU B 346 -27.19 -16.40 -4.62
N TYR B 347 -26.04 -16.94 -4.24
CA TYR B 347 -25.50 -18.15 -4.87
C TYR B 347 -25.41 -19.26 -3.84
N PRO B 348 -26.45 -20.09 -3.72
CA PRO B 348 -26.41 -21.16 -2.73
C PRO B 348 -25.47 -22.27 -3.16
N LEU B 349 -24.66 -22.74 -2.21
CA LEU B 349 -23.67 -23.77 -2.47
C LEU B 349 -23.90 -24.94 -1.52
N GLU B 350 -23.73 -26.15 -2.03
CA GLU B 350 -23.84 -27.37 -1.24
C GLU B 350 -22.47 -27.81 -0.75
N LYS B 351 -22.48 -28.62 0.31
CA LYS B 351 -21.25 -29.18 0.84
C LYS B 351 -20.46 -29.86 -0.26
N GLY B 352 -19.18 -29.50 -0.39
CA GLY B 352 -18.32 -30.06 -1.40
C GLY B 352 -18.24 -29.27 -2.69
N ASP B 353 -19.11 -28.29 -2.90
CA ASP B 353 -19.06 -27.50 -4.12
C ASP B 353 -17.74 -26.76 -4.23
N GLU B 354 -17.23 -26.68 -5.45
CA GLU B 354 -15.89 -26.16 -5.71
C GLU B 354 -15.92 -24.72 -6.19
N LEU B 355 -14.90 -23.96 -5.82
CA LEU B 355 -14.71 -22.59 -6.24
C LEU B 355 -13.28 -22.41 -6.71
N MET B 356 -13.11 -21.61 -7.77
CA MET B 356 -11.79 -21.21 -8.26
C MET B 356 -11.65 -19.70 -8.09
N VAL B 357 -10.52 -19.26 -7.52
CA VAL B 357 -10.23 -17.85 -7.35
C VAL B 357 -9.31 -17.41 -8.48
N LEU B 358 -9.80 -16.54 -9.35
CA LEU B 358 -9.04 -16.05 -10.49
C LEU B 358 -8.28 -14.80 -10.04
N ILE B 359 -7.04 -15.00 -9.59
CA ILE B 359 -6.31 -13.91 -8.93
C ILE B 359 -6.08 -12.71 -9.86
N PRO B 360 -5.67 -12.87 -11.13
CA PRO B 360 -5.51 -11.68 -11.99
C PRO B 360 -6.76 -10.85 -12.09
N GLN B 361 -7.95 -11.47 -12.04
CA GLN B 361 -9.19 -10.71 -12.10
C GLN B 361 -9.46 -9.99 -10.78
N LEU B 362 -9.27 -10.69 -9.65
CA LEU B 362 -9.36 -10.04 -8.35
C LEU B 362 -8.52 -8.77 -8.30
N HIS B 363 -7.29 -8.85 -8.80
CA HIS B 363 -6.37 -7.72 -8.78
C HIS B 363 -6.73 -6.64 -9.78
N ARG B 364 -7.78 -6.85 -10.58
CA ARG B 364 -8.30 -5.84 -11.50
C ARG B 364 -9.70 -5.40 -11.11
N ASP B 365 -10.14 -5.70 -9.89
CA ASP B 365 -11.47 -5.29 -9.42
C ASP B 365 -11.47 -3.77 -9.25
N LYS B 366 -12.18 -3.07 -10.14
CA LYS B 366 -12.18 -1.62 -10.10
C LYS B 366 -12.85 -1.07 -8.85
N THR B 367 -13.75 -1.83 -8.23
CA THR B 367 -14.39 -1.37 -6.99
C THR B 367 -13.40 -1.27 -5.84
N ILE B 368 -12.23 -1.89 -5.96
CA ILE B 368 -11.19 -1.83 -4.94
C ILE B 368 -10.06 -0.90 -5.35
N TRP B 369 -9.57 -1.04 -6.58
CA TRP B 369 -8.34 -0.41 -7.03
C TRP B 369 -8.56 0.87 -7.82
N GLY B 370 -9.78 1.20 -8.18
CA GLY B 370 -10.04 2.34 -9.05
C GLY B 370 -10.09 1.95 -10.51
N ASP B 371 -10.21 2.96 -11.36
CA ASP B 371 -10.35 2.72 -12.79
C ASP B 371 -9.02 2.38 -13.47
N ASP B 372 -7.90 2.81 -12.91
CA ASP B 372 -6.59 2.59 -13.53
C ASP B 372 -5.98 1.22 -13.21
N VAL B 373 -6.77 0.15 -13.24
CA VAL B 373 -6.29 -1.15 -12.80
C VAL B 373 -5.20 -1.69 -13.72
N GLU B 374 -5.21 -1.29 -15.00
CA GLU B 374 -4.26 -1.84 -15.96
C GLU B 374 -2.94 -1.07 -16.01
N GLU B 375 -2.85 0.07 -15.33
CA GLU B 375 -1.62 0.85 -15.31
C GLU B 375 -0.67 0.33 -14.23
N PHE B 376 0.62 0.36 -14.53
CA PHE B 376 1.66 -0.08 -13.59
C PHE B 376 2.08 1.11 -12.73
N ARG B 377 1.64 1.11 -11.48
CA ARG B 377 1.96 2.18 -10.54
C ARG B 377 2.33 1.56 -9.19
N PRO B 378 3.62 1.36 -8.93
CA PRO B 378 4.03 0.84 -7.60
C PRO B 378 3.59 1.72 -6.45
N GLU B 379 3.31 3.00 -6.71
CA GLU B 379 2.87 3.91 -5.65
C GLU B 379 1.56 3.44 -5.00
N ARG B 380 0.81 2.53 -5.65
CA ARG B 380 -0.36 1.95 -5.01
C ARG B 380 -0.01 1.32 -3.68
N PHE B 381 1.19 0.75 -3.57
CA PHE B 381 1.62 0.01 -2.39
C PHE B 381 2.54 0.86 -1.51
N GLU B 382 2.51 2.18 -1.67
CA GLU B 382 3.37 3.05 -0.87
C GLU B 382 3.04 2.91 0.62
N ASN B 383 1.77 2.73 0.94
CA ASN B 383 1.33 2.52 2.32
C ASN B 383 0.49 1.24 2.31
N PRO B 384 1.00 0.14 2.86
CA PRO B 384 0.27 -1.14 2.78
C PRO B 384 -1.11 -1.13 3.42
N SER B 385 -1.37 -0.21 4.36
CA SER B 385 -2.65 -0.20 5.05
C SER B 385 -3.81 0.23 4.16
N ALA B 386 -3.54 0.89 3.04
CA ALA B 386 -4.61 1.33 2.15
C ALA B 386 -5.18 0.19 1.32
N ILE B 387 -4.65 -1.02 1.45
CA ILE B 387 -5.09 -2.17 0.66
C ILE B 387 -6.20 -2.87 1.44
N PRO B 388 -7.40 -2.99 0.90
CA PRO B 388 -8.50 -3.65 1.62
C PRO B 388 -8.22 -5.13 1.87
N GLN B 389 -9.04 -5.70 2.75
CA GLN B 389 -8.93 -7.10 3.11
C GLN B 389 -9.21 -7.97 1.89
N HIS B 390 -8.32 -8.94 1.65
CA HIS B 390 -8.49 -9.95 0.60
C HIS B 390 -8.58 -9.36 -0.81
N ALA B 391 -8.11 -8.13 -0.99
CA ALA B 391 -8.05 -7.54 -2.32
C ALA B 391 -6.79 -7.95 -3.08
N PHE B 392 -5.74 -8.31 -2.36
CA PHE B 392 -4.42 -8.59 -2.93
C PHE B 392 -4.00 -9.95 -2.41
N LYS B 393 -4.07 -10.98 -3.25
CA LYS B 393 -3.86 -12.37 -2.83
C LYS B 393 -2.90 -13.14 -3.74
N PRO B 394 -1.71 -12.60 -4.02
CA PRO B 394 -0.78 -13.33 -4.89
C PRO B 394 -0.22 -14.58 -4.24
N PHE B 395 -0.32 -14.71 -2.91
CA PHE B 395 0.24 -15.85 -2.19
C PHE B 395 -0.84 -16.73 -1.55
N GLY B 396 -2.07 -16.68 -2.05
CA GLY B 396 -3.11 -17.55 -1.53
C GLY B 396 -3.74 -16.99 -0.26
N ASN B 397 -4.31 -17.89 0.53
CA ASN B 397 -5.16 -17.47 1.63
C ASN B 397 -4.98 -18.35 2.86
N GLY B 398 -4.98 -17.70 4.02
CA GLY B 398 -5.11 -18.34 5.31
C GLY B 398 -3.96 -19.26 5.65
N GLN B 399 -4.29 -20.35 6.35
CA GLN B 399 -3.27 -21.31 6.73
C GLN B 399 -2.72 -22.08 5.53
N ARG B 400 -3.44 -22.06 4.40
CA ARG B 400 -2.96 -22.66 3.17
C ARG B 400 -2.31 -21.64 2.24
N ALA B 401 -1.92 -20.48 2.77
CA ALA B 401 -1.19 -19.50 1.99
C ALA B 401 0.23 -20.00 1.72
N CYS B 402 0.90 -19.32 0.80
CA CYS B 402 2.25 -19.69 0.40
C CYS B 402 3.21 -19.65 1.58
N ILE B 403 3.81 -20.79 1.92
CA ILE B 403 4.79 -20.81 3.00
C ILE B 403 6.10 -20.17 2.56
N GLY B 404 6.33 -20.04 1.25
CA GLY B 404 7.57 -19.50 0.74
C GLY B 404 7.50 -18.02 0.40
N GLN B 405 6.50 -17.32 0.92
CA GLN B 405 6.29 -15.91 0.55
C GLN B 405 7.51 -15.06 0.92
N GLN B 406 7.99 -15.20 2.16
CA GLN B 406 9.15 -14.40 2.58
C GLN B 406 10.39 -14.79 1.80
N PHE B 407 10.56 -16.08 1.51
CA PHE B 407 11.68 -16.54 0.70
C PHE B 407 11.64 -15.90 -0.69
N ALA B 408 10.48 -15.98 -1.35
CA ALA B 408 10.36 -15.45 -2.70
C ALA B 408 10.58 -13.94 -2.73
N LEU B 409 10.00 -13.22 -1.77
CA LEU B 409 10.12 -11.77 -1.79
C LEU B 409 11.51 -11.30 -1.42
N HIS B 410 12.20 -12.02 -0.52
CA HIS B 410 13.57 -11.65 -0.20
C HIS B 410 14.50 -11.89 -1.39
N GLU B 411 14.41 -13.08 -2.00
CA GLU B 411 15.23 -13.37 -3.18
C GLU B 411 14.95 -12.36 -4.29
N ALA B 412 13.68 -12.08 -4.55
CA ALA B 412 13.32 -11.19 -5.65
C ALA B 412 13.77 -9.75 -5.37
N THR B 413 13.65 -9.32 -4.11
CA THR B 413 14.10 -7.97 -3.76
C THR B 413 15.62 -7.87 -3.86
N LEU B 414 16.33 -8.89 -3.37
CA LEU B 414 17.79 -8.90 -3.44
C LEU B 414 18.27 -8.84 -4.88
N VAL B 415 17.69 -9.68 -5.74
CA VAL B 415 18.21 -9.81 -7.09
C VAL B 415 17.85 -8.60 -7.93
N LEU B 416 16.60 -8.14 -7.85
CA LEU B 416 16.19 -6.94 -8.57
C LEU B 416 17.01 -5.73 -8.13
N GLY B 417 17.26 -5.61 -6.83
CA GLY B 417 18.07 -4.51 -6.35
C GLY B 417 19.48 -4.53 -6.91
N MET B 418 20.10 -5.71 -6.96
CA MET B 418 21.44 -5.82 -7.53
C MET B 418 21.43 -5.54 -9.03
N MET B 419 20.38 -6.00 -9.73
CA MET B 419 20.26 -5.70 -11.15
C MET B 419 20.18 -4.20 -11.39
N LEU B 420 19.37 -3.50 -10.60
CA LEU B 420 19.21 -2.06 -10.78
C LEU B 420 20.45 -1.30 -10.34
N LYS B 421 21.21 -1.84 -9.37
CA LYS B 421 22.43 -1.19 -8.93
C LYS B 421 23.51 -1.25 -10.01
N HIS B 422 23.64 -2.40 -10.68
CA HIS B 422 24.80 -2.67 -11.51
C HIS B 422 24.61 -2.39 -12.99
N PHE B 423 23.38 -2.23 -13.48
CA PHE B 423 23.15 -2.08 -14.90
C PHE B 423 22.07 -1.06 -15.19
N ASP B 424 22.22 -0.39 -16.33
CA ASP B 424 21.11 0.26 -17.03
C ASP B 424 20.53 -0.72 -18.04
N PHE B 425 19.23 -0.66 -18.24
CA PHE B 425 18.53 -1.62 -19.08
C PHE B 425 17.87 -0.93 -20.27
N GLU B 426 17.92 -1.59 -21.42
CA GLU B 426 17.33 -1.08 -22.64
C GLU B 426 16.37 -2.12 -23.21
N ASP B 427 15.15 -1.68 -23.52
CA ASP B 427 14.16 -2.48 -24.24
C ASP B 427 14.43 -2.33 -25.74
N HIS B 428 15.50 -3.00 -26.18
CA HIS B 428 16.04 -2.74 -27.51
C HIS B 428 15.14 -3.26 -28.63
N THR B 429 14.22 -4.17 -28.34
CA THR B 429 13.32 -4.70 -29.36
C THR B 429 11.92 -4.09 -29.28
N ASN B 430 11.67 -3.19 -28.35
CA ASN B 430 10.31 -2.75 -28.02
C ASN B 430 9.40 -3.98 -27.85
N TYR B 431 9.79 -4.81 -26.89
CA TYR B 431 9.21 -6.14 -26.72
C TYR B 431 7.70 -6.06 -26.54
N GLU B 432 6.98 -6.90 -27.27
CA GLU B 432 5.53 -6.99 -27.20
C GLU B 432 5.18 -8.10 -26.23
N LEU B 433 4.45 -7.76 -25.17
CA LEU B 433 4.17 -8.73 -24.11
C LEU B 433 3.44 -9.93 -24.67
N ASP B 434 4.00 -11.11 -24.44
CA ASP B 434 3.41 -12.39 -24.84
C ASP B 434 3.58 -13.33 -23.66
N ILE B 435 2.48 -13.69 -23.02
CA ILE B 435 2.53 -14.39 -21.75
C ILE B 435 2.34 -15.88 -22.02
N LYS B 436 3.40 -16.65 -21.79
CA LYS B 436 3.35 -18.09 -21.91
C LYS B 436 2.82 -18.71 -20.63
N GLU B 437 2.02 -19.75 -20.76
CA GLU B 437 1.35 -20.38 -19.64
C GLU B 437 1.83 -21.83 -19.51
N THR B 438 2.41 -22.15 -18.36
CA THR B 438 2.74 -23.52 -18.00
C THR B 438 1.94 -23.85 -16.75
N LEU B 439 2.60 -24.32 -15.68
CA LEU B 439 1.95 -24.22 -14.38
C LEU B 439 1.82 -22.77 -13.93
N THR B 440 2.64 -21.88 -14.49
CA THR B 440 2.69 -20.48 -14.08
C THR B 440 2.67 -19.57 -15.30
N LEU B 441 2.91 -18.28 -15.09
CA LEU B 441 2.90 -17.28 -16.14
C LEU B 441 4.27 -16.64 -16.25
N LYS B 442 4.68 -16.31 -17.48
CA LYS B 442 5.96 -15.66 -17.73
C LYS B 442 5.89 -14.91 -19.05
N PRO B 443 6.68 -13.84 -19.22
CA PRO B 443 6.69 -13.13 -20.50
C PRO B 443 7.64 -13.78 -21.51
N GLU B 444 7.09 -14.62 -22.38
CA GLU B 444 7.92 -15.40 -23.27
C GLU B 444 8.67 -14.52 -24.27
N GLY B 445 9.95 -14.83 -24.48
CA GLY B 445 10.76 -14.08 -25.41
C GLY B 445 11.19 -12.70 -24.95
N PHE B 446 10.94 -12.36 -23.68
CA PHE B 446 11.35 -11.05 -23.18
C PHE B 446 12.87 -10.95 -23.16
N VAL B 447 13.40 -9.95 -23.86
CA VAL B 447 14.83 -9.74 -23.98
C VAL B 447 15.14 -8.28 -23.74
N VAL B 448 16.34 -8.02 -23.21
CA VAL B 448 16.83 -6.67 -22.96
C VAL B 448 18.32 -6.62 -23.25
N LYS B 449 18.85 -5.41 -23.31
CA LYS B 449 20.29 -5.16 -23.28
C LYS B 449 20.64 -4.51 -21.95
N ALA B 450 21.74 -4.94 -21.37
CA ALA B 450 22.23 -4.36 -20.12
C ALA B 450 23.54 -3.63 -20.39
N LYS B 451 23.60 -2.37 -19.98
CA LYS B 451 24.83 -1.58 -20.01
C LYS B 451 25.36 -1.47 -18.60
N SER B 452 26.53 -2.03 -18.35
CA SER B 452 27.08 -2.07 -17.00
C SER B 452 27.38 -0.67 -16.47
N LYS B 453 27.11 -0.46 -15.19
CA LYS B 453 27.54 0.74 -14.49
C LYS B 453 28.96 0.60 -13.93
N LYS B 454 29.62 -0.53 -14.16
CA LYS B 454 31.03 -0.74 -13.80
C LYS B 454 31.26 -0.60 -12.30
N ILE B 455 30.31 -1.08 -11.50
CA ILE B 455 30.41 -1.07 -10.05
C ILE B 455 30.89 -2.44 -9.60
N PRO B 456 32.02 -2.55 -8.90
CA PRO B 456 32.59 -3.86 -8.58
C PRO B 456 31.78 -4.58 -7.51
N LEU B 457 31.93 -5.91 -7.50
CA LEU B 457 31.24 -6.76 -6.54
C LEU B 457 32.10 -7.13 -5.35
N TYR C 3 6.63 22.84 16.59
CA TYR C 3 7.59 22.62 17.60
C TYR C 3 7.01 21.78 18.69
N TYR D 3 -7.43 -25.05 -12.99
CA TYR D 3 -8.54 -25.94 -13.11
C TYR D 3 -8.18 -27.26 -12.47
#